data_1HPL
#
_entry.id   1HPL
#
_cell.length_a   79.800
_cell.length_b   97.200
_cell.length_c   145.300
_cell.angle_alpha   90.00
_cell.angle_beta   90.00
_cell.angle_gamma   90.00
#
_symmetry.space_group_name_H-M   'P 21 21 21'
#
loop_
_entity.id
_entity.type
_entity.pdbx_description
1 polymer LIPASE
2 non-polymer 'CALCIUM ION'
3 water water
#
_entity_poly.entity_id   1
_entity_poly.type   'polypeptide(L)'
_entity_poly.pdbx_seq_one_letter_code
;NEVCYERLGCFSDDSPWAGIVERPLKILPWSPEKVNTRFLLYTNENPDNFQEIVADPSTIQSSNFNTGRKTRFIIHGFID
KGEESWLSTMCQNMFKVESVNCICVDWKSGSRTAYSQASQNVRIVGAEVAYLVGVLQSSFDYSPSNVHIIGHSLGSHAAG
EAGRRTNGAVGRITGLDPAEPCFQGTPELVRLDPSDAQFVDVIHTDIAPFIPNLGFGMSQTAGHLDFFPNGGKEMPGCQK
NVLSQIVDIDGIWQGTRDFAACNHLRSYKYYTDSILNPDGFAGFSCASYSDFTANKCFPCSSEGCPQMGHYADRFPGRTK
GVGQLFYLNTGDASNFARWRYRVDVTLSGKKVTGHVLVSLFGNKGNSRQYEIFQGTLKPDNTYSNEFDSDVEVGDLEKVK
FIWYNNVINLTLPKVGASKITVERNDGSVFNFCSEETVREDVLLTLTAC
;
_entity_poly.pdbx_strand_id   A,B
#
loop_
_chem_comp.id
_chem_comp.type
_chem_comp.name
_chem_comp.formula
CA non-polymer 'CALCIUM ION' 'Ca 2'
#
# COMPACT_ATOMS: atom_id res chain seq x y z
N ASN A 1 20.16 -1.68 47.23
CA ASN A 1 19.31 -0.57 47.61
C ASN A 1 17.87 -1.02 47.49
N GLU A 2 16.98 -0.56 48.33
CA GLU A 2 15.59 -0.91 48.27
C GLU A 2 14.75 0.31 48.69
N VAL A 3 13.73 0.69 47.91
CA VAL A 3 12.81 1.74 48.27
C VAL A 3 11.42 1.12 48.49
N CYS A 4 10.59 1.64 49.39
CA CYS A 4 9.23 1.17 49.60
C CYS A 4 8.25 2.34 49.49
N TYR A 5 7.03 2.16 48.90
CA TYR A 5 6.07 3.21 48.66
C TYR A 5 4.74 2.67 49.10
N GLU A 6 3.75 3.57 49.31
CA GLU A 6 2.40 3.17 49.69
C GLU A 6 1.70 2.47 48.53
N ARG A 7 0.73 1.61 48.80
CA ARG A 7 -0.01 0.86 47.79
C ARG A 7 0.77 -0.22 47.07
N LEU A 8 1.92 0.09 46.50
CA LEU A 8 2.65 -0.82 45.64
C LEU A 8 3.73 -1.62 46.34
N GLY A 9 4.18 -1.29 47.56
CA GLY A 9 5.18 -2.14 48.24
C GLY A 9 6.62 -1.75 47.95
N CYS A 10 7.53 -2.67 48.05
CA CYS A 10 8.95 -2.37 47.97
C CYS A 10 9.59 -2.78 46.64
N PHE A 11 10.68 -2.18 46.20
CA PHE A 11 11.33 -2.54 44.96
C PHE A 11 12.82 -2.42 45.24
N SER A 12 13.65 -3.43 44.95
CA SER A 12 15.10 -3.33 45.16
C SER A 12 15.86 -3.63 43.88
N ASP A 13 17.14 -3.26 43.81
CA ASP A 13 17.98 -3.58 42.70
C ASP A 13 18.74 -4.89 42.89
N ASP A 14 18.27 -5.77 43.79
CA ASP A 14 18.97 -7.02 44.00
C ASP A 14 18.75 -7.88 42.76
N SER A 15 19.75 -8.70 42.52
CA SER A 15 19.74 -9.64 41.44
C SER A 15 18.53 -10.58 41.58
N PRO A 16 17.77 -11.01 40.56
CA PRO A 16 18.03 -10.72 39.16
C PRO A 16 17.51 -9.38 38.65
N TRP A 17 16.84 -8.53 39.44
CA TRP A 17 16.34 -7.24 38.93
C TRP A 17 17.38 -6.29 38.34
N ALA A 18 18.64 -6.42 38.81
CA ALA A 18 19.81 -5.73 38.29
C ALA A 18 21.07 -6.50 38.69
N GLY A 19 22.16 -6.08 38.06
CA GLY A 19 23.49 -6.61 38.34
C GLY A 19 23.74 -8.03 37.85
N ILE A 20 23.29 -8.34 36.65
CA ILE A 20 23.54 -9.63 36.07
C ILE A 20 23.98 -9.28 34.67
N VAL A 21 24.60 -10.21 33.95
CA VAL A 21 25.14 -9.98 32.61
C VAL A 21 24.17 -9.34 31.62
N GLU A 22 22.88 -9.75 31.64
CA GLU A 22 21.88 -9.15 30.76
C GLU A 22 21.42 -7.75 31.13
N ARG A 23 21.60 -7.30 32.36
CA ARG A 23 21.17 -5.98 32.79
C ARG A 23 22.05 -5.60 33.97
N PRO A 24 23.26 -5.10 33.65
CA PRO A 24 24.37 -4.89 34.58
C PRO A 24 24.22 -3.78 35.60
N LEU A 25 23.67 -2.64 35.16
CA LEU A 25 23.52 -1.43 35.98
C LEU A 25 22.60 -1.61 37.16
N LYS A 26 22.99 -1.14 38.34
CA LYS A 26 22.11 -1.20 39.49
C LYS A 26 21.35 0.11 39.49
N ILE A 27 20.06 0.17 39.14
CA ILE A 27 19.29 1.41 39.24
C ILE A 27 17.89 0.99 39.61
N LEU A 28 17.25 1.89 40.32
CA LEU A 28 15.94 1.60 40.87
C LEU A 28 14.86 2.18 39.95
N PRO A 29 13.62 1.68 39.91
CA PRO A 29 12.49 2.37 39.28
C PRO A 29 12.21 3.71 39.96
N TRP A 30 11.76 4.69 39.17
CA TRP A 30 11.27 5.96 39.68
C TRP A 30 10.09 5.74 40.62
N SER A 31 9.70 6.79 41.33
CA SER A 31 8.55 6.63 42.21
C SER A 31 7.23 6.67 41.40
N PRO A 32 6.10 6.15 41.89
CA PRO A 32 4.85 6.01 41.14
C PRO A 32 4.39 7.30 40.44
N GLU A 33 4.48 8.41 41.17
CA GLU A 33 4.02 9.68 40.61
C GLU A 33 4.94 10.21 39.57
N LYS A 34 6.22 9.86 39.56
CA LYS A 34 7.13 10.27 38.50
C LYS A 34 6.80 9.41 37.25
N VAL A 35 6.36 8.15 37.40
CA VAL A 35 5.97 7.33 36.25
C VAL A 35 4.61 7.79 35.75
N ASN A 36 3.73 8.19 36.66
CA ASN A 36 2.42 8.71 36.36
C ASN A 36 1.56 7.87 35.37
N THR A 37 1.42 6.57 35.72
CA THR A 37 0.63 5.61 34.96
C THR A 37 -0.80 6.13 34.96
N ARG A 38 -1.48 6.15 33.81
CA ARG A 38 -2.86 6.63 33.74
C ARG A 38 -3.74 5.57 33.07
N PHE A 39 -4.98 5.45 33.52
CA PHE A 39 -5.94 4.48 33.02
C PHE A 39 -7.06 5.24 32.32
N LEU A 40 -7.02 5.11 30.98
CA LEU A 40 -7.91 5.81 30.07
C LEU A 40 -8.93 4.82 29.53
N LEU A 41 -10.16 4.91 30.03
CA LEU A 41 -11.19 3.95 29.70
C LEU A 41 -12.06 4.38 28.52
N TYR A 42 -12.06 3.56 27.47
CA TYR A 42 -12.99 3.71 26.36
C TYR A 42 -13.96 2.53 26.42
N THR A 43 -15.26 2.71 26.13
CA THR A 43 -16.23 1.59 26.10
C THR A 43 -17.13 1.74 24.87
N ASN A 44 -17.96 0.77 24.51
CA ASN A 44 -18.96 0.95 23.44
C ASN A 44 -19.83 2.21 23.59
N GLU A 45 -20.17 2.61 24.82
CA GLU A 45 -20.94 3.79 25.10
C GLU A 45 -20.09 5.05 25.11
N ASN A 46 -18.75 4.99 25.23
CA ASN A 46 -17.96 6.17 25.04
C ASN A 46 -16.76 5.79 24.16
N PRO A 47 -16.95 5.58 22.86
CA PRO A 47 -15.93 5.01 21.99
C PRO A 47 -14.85 6.00 21.53
N ASP A 48 -15.10 7.32 21.52
CA ASP A 48 -14.18 8.31 20.97
C ASP A 48 -13.31 9.06 21.94
N ASN A 49 -13.82 9.22 23.16
CA ASN A 49 -13.15 9.98 24.22
C ASN A 49 -13.14 9.15 25.48
N PHE A 50 -12.00 9.13 26.14
CA PHE A 50 -11.86 8.33 27.33
C PHE A 50 -12.49 8.94 28.58
N GLN A 51 -12.68 8.11 29.61
CA GLN A 51 -13.02 8.51 30.97
C GLN A 51 -11.80 8.08 31.78
N GLU A 52 -11.08 9.01 32.42
CA GLU A 52 -9.94 8.69 33.23
C GLU A 52 -10.41 8.06 34.51
N ILE A 53 -9.93 6.88 34.87
CA ILE A 53 -10.32 6.21 36.11
C ILE A 53 -9.09 5.83 36.97
N VAL A 54 -9.37 5.57 38.24
CA VAL A 54 -8.30 5.30 39.17
C VAL A 54 -8.77 4.10 39.99
N ALA A 55 -7.89 3.37 40.68
CA ALA A 55 -8.26 2.21 41.48
C ALA A 55 -9.01 2.63 42.75
N ASP A 56 -10.27 3.01 42.58
CA ASP A 56 -11.15 3.50 43.64
C ASP A 56 -12.55 3.07 43.23
N PRO A 57 -13.29 2.29 44.04
CA PRO A 57 -14.62 1.79 43.70
C PRO A 57 -15.60 2.88 43.25
N SER A 58 -15.66 4.06 43.88
CA SER A 58 -16.66 5.05 43.50
C SER A 58 -16.36 5.57 42.14
N THR A 59 -15.07 5.77 41.81
CA THR A 59 -14.70 6.26 40.50
C THR A 59 -15.04 5.28 39.40
N ILE A 60 -14.78 3.99 39.62
CA ILE A 60 -15.10 2.94 38.66
C ILE A 60 -16.62 2.97 38.51
N GLN A 61 -17.46 2.99 39.59
CA GLN A 61 -18.91 2.95 39.47
C GLN A 61 -19.48 4.16 38.76
N SER A 62 -18.81 5.28 38.87
CA SER A 62 -19.25 6.45 38.17
C SER A 62 -18.92 6.41 36.68
N SER A 63 -18.10 5.49 36.17
CA SER A 63 -17.77 5.46 34.76
C SER A 63 -18.70 4.50 34.04
N ASN A 64 -18.43 4.35 32.78
CA ASN A 64 -19.10 3.42 31.93
C ASN A 64 -18.55 2.02 32.06
N PHE A 65 -17.56 1.75 32.93
CA PHE A 65 -17.09 0.38 33.18
C PHE A 65 -18.30 -0.52 33.49
N ASN A 66 -18.41 -1.73 32.95
CA ASN A 66 -19.53 -2.60 33.28
C ASN A 66 -18.95 -3.96 33.64
N THR A 67 -19.29 -4.46 34.84
CA THR A 67 -18.79 -5.76 35.30
C THR A 67 -19.35 -6.97 34.54
N GLY A 68 -20.40 -6.80 33.70
CA GLY A 68 -20.94 -7.90 32.91
C GLY A 68 -20.24 -8.11 31.56
N ARG A 69 -19.05 -7.60 31.25
CA ARG A 69 -18.42 -7.84 29.96
C ARG A 69 -16.91 -7.91 30.25
N LYS A 70 -16.09 -8.39 29.31
CA LYS A 70 -14.65 -8.50 29.50
C LYS A 70 -13.94 -7.14 29.61
N THR A 71 -12.71 -7.12 30.13
CA THR A 71 -11.88 -5.91 30.21
C THR A 71 -10.56 -6.19 29.52
N ARG A 72 -10.13 -5.35 28.57
CA ARG A 72 -8.86 -5.54 27.92
C ARG A 72 -8.02 -4.31 28.19
N PHE A 73 -6.79 -4.46 28.70
CA PHE A 73 -5.88 -3.37 28.99
C PHE A 73 -4.95 -3.33 27.80
N ILE A 74 -4.46 -2.16 27.36
CA ILE A 74 -3.50 -2.10 26.28
C ILE A 74 -2.34 -1.25 26.80
N ILE A 75 -1.09 -1.75 26.82
CA ILE A 75 -0.03 -1.05 27.46
C ILE A 75 1.00 -0.78 26.38
N HIS A 76 1.43 0.47 26.22
CA HIS A 76 2.40 0.80 25.17
C HIS A 76 3.83 0.56 25.62
N GLY A 77 4.69 0.77 24.63
CA GLY A 77 6.15 0.71 24.77
C GLY A 77 6.66 1.90 23.97
N PHE A 78 7.41 1.61 22.91
CA PHE A 78 7.95 2.65 22.07
C PHE A 78 6.83 3.33 21.26
N ILE A 79 6.84 4.66 21.24
CA ILE A 79 5.84 5.40 20.48
C ILE A 79 6.64 6.18 19.47
N ASP A 80 6.37 5.88 18.20
CA ASP A 80 7.05 6.56 17.10
C ASP A 80 6.24 7.80 16.75
N LYS A 81 6.85 8.70 15.98
CA LYS A 81 6.18 9.92 15.50
C LYS A 81 4.89 9.64 14.74
N GLY A 82 3.81 10.32 15.13
CA GLY A 82 2.56 10.11 14.46
C GLY A 82 1.90 8.80 14.89
N GLU A 83 2.39 8.00 15.83
CA GLU A 83 1.72 6.75 16.21
C GLU A 83 0.97 6.86 17.52
N GLU A 84 0.86 8.06 18.08
CA GLU A 84 0.22 8.14 19.38
C GLU A 84 -1.26 7.80 19.45
N SER A 85 -2.05 7.62 18.37
CA SER A 85 -3.39 7.12 18.61
C SER A 85 -3.44 5.62 18.41
N TRP A 86 -2.36 4.81 18.26
CA TRP A 86 -2.53 3.38 18.02
C TRP A 86 -3.35 2.67 19.11
N LEU A 87 -3.27 3.06 20.38
CA LEU A 87 -3.96 2.32 21.42
C LEU A 87 -5.48 2.54 21.29
N SER A 88 -5.93 3.78 21.04
CA SER A 88 -7.34 4.00 20.96
C SER A 88 -7.91 3.49 19.66
N THR A 89 -7.14 3.37 18.55
CA THR A 89 -7.83 2.85 17.39
C THR A 89 -7.87 1.30 17.49
N MET A 90 -6.96 0.67 18.27
CA MET A 90 -7.11 -0.78 18.59
C MET A 90 -8.41 -0.97 19.40
N CYS A 91 -8.71 -0.15 20.44
CA CYS A 91 -10.01 -0.20 21.13
C CYS A 91 -11.16 0.08 20.19
N GLN A 92 -11.10 1.02 19.26
CA GLN A 92 -12.23 1.32 18.39
C GLN A 92 -12.61 0.23 17.40
N ASN A 93 -11.67 -0.62 17.01
CA ASN A 93 -12.02 -1.80 16.23
C ASN A 93 -12.76 -2.86 17.05
N MET A 94 -12.38 -3.06 18.33
CA MET A 94 -13.04 -4.03 19.21
C MET A 94 -14.49 -3.66 19.38
N PHE A 95 -14.86 -2.36 19.49
CA PHE A 95 -16.26 -1.99 19.63
C PHE A 95 -17.10 -2.37 18.42
N LYS A 96 -16.48 -2.61 17.28
CA LYS A 96 -17.24 -3.08 16.13
C LYS A 96 -17.67 -4.55 16.24
N VAL A 97 -16.97 -5.37 17.05
CA VAL A 97 -17.26 -6.80 17.09
C VAL A 97 -17.70 -7.34 18.45
N GLU A 98 -17.61 -6.56 19.54
CA GLU A 98 -17.88 -7.04 20.88
C GLU A 98 -18.14 -5.89 21.85
N SER A 99 -18.66 -6.25 23.04
CA SER A 99 -18.88 -5.30 24.14
C SER A 99 -17.67 -5.44 25.08
N VAL A 100 -16.96 -4.36 25.38
CA VAL A 100 -15.72 -4.47 26.13
C VAL A 100 -15.41 -3.19 26.88
N ASN A 101 -14.78 -3.34 28.07
CA ASN A 101 -14.19 -2.21 28.81
C ASN A 101 -12.77 -2.17 28.26
N CYS A 102 -12.32 -1.15 27.51
CA CYS A 102 -10.98 -1.19 26.91
C CYS A 102 -10.19 -0.09 27.60
N ILE A 103 -9.09 -0.39 28.25
CA ILE A 103 -8.42 0.57 29.12
C ILE A 103 -7.03 0.78 28.55
N CYS A 104 -6.72 1.97 28.06
CA CYS A 104 -5.38 2.28 27.59
C CYS A 104 -4.54 2.71 28.79
N VAL A 105 -3.34 2.13 28.91
CA VAL A 105 -2.43 2.44 30.01
C VAL A 105 -1.28 3.31 29.47
N ASP A 106 -1.42 4.58 29.83
CA ASP A 106 -0.47 5.62 29.50
C ASP A 106 0.60 5.77 30.62
N TRP A 107 1.88 5.62 30.26
CA TRP A 107 2.99 5.77 31.21
C TRP A 107 4.13 6.52 30.49
N LYS A 108 3.70 7.49 29.66
CA LYS A 108 4.66 8.25 28.85
C LYS A 108 5.76 8.92 29.67
N SER A 109 5.41 9.41 30.86
CA SER A 109 6.44 10.02 31.73
C SER A 109 7.55 9.07 32.19
N GLY A 110 7.19 7.81 32.38
CA GLY A 110 8.11 6.83 32.86
C GLY A 110 8.80 6.17 31.71
N SER A 111 8.28 6.27 30.49
CA SER A 111 9.04 5.72 29.38
C SER A 111 10.02 6.69 28.66
N ARG A 112 9.70 7.99 28.66
CA ARG A 112 10.53 8.99 27.99
C ARG A 112 11.76 9.32 28.80
N THR A 113 12.69 8.39 28.89
CA THR A 113 13.90 8.61 29.66
C THR A 113 14.92 7.62 29.11
N ALA A 114 16.05 7.38 29.75
CA ALA A 114 17.00 6.41 29.25
C ALA A 114 16.39 5.00 29.23
N TYR A 115 16.81 4.19 28.25
CA TYR A 115 16.30 2.86 28.09
C TYR A 115 16.44 2.04 29.35
N SER A 116 17.59 2.00 30.00
CA SER A 116 17.72 1.18 31.20
C SER A 116 16.81 1.67 32.35
N GLN A 117 16.50 2.97 32.42
CA GLN A 117 15.59 3.47 33.45
C GLN A 117 14.15 3.07 33.13
N ALA A 118 13.72 3.24 31.87
CA ALA A 118 12.41 2.80 31.42
C ALA A 118 12.18 1.29 31.69
N SER A 119 13.23 0.42 31.50
CA SER A 119 13.17 -1.00 31.79
C SER A 119 12.83 -1.26 33.23
N GLN A 120 13.47 -0.52 34.11
CA GLN A 120 13.11 -0.59 35.52
C GLN A 120 11.68 -0.03 35.73
N ASN A 121 11.29 1.06 35.06
CA ASN A 121 9.98 1.65 35.33
C ASN A 121 8.80 0.76 34.95
N VAL A 122 9.04 -0.21 34.08
CA VAL A 122 8.07 -1.25 33.73
C VAL A 122 7.47 -1.93 35.00
N ARG A 123 8.25 -2.03 36.08
CA ARG A 123 7.89 -2.65 37.34
C ARG A 123 6.76 -1.92 38.08
N ILE A 124 6.80 -0.58 37.94
CA ILE A 124 5.82 0.32 38.52
C ILE A 124 4.51 0.20 37.76
N VAL A 125 4.56 0.21 36.43
CA VAL A 125 3.36 0.08 35.62
C VAL A 125 2.66 -1.25 35.90
N GLY A 126 3.46 -2.32 35.97
CA GLY A 126 3.05 -3.68 36.34
C GLY A 126 2.30 -3.70 37.66
N ALA A 127 2.94 -3.10 38.66
CA ALA A 127 2.40 -3.01 40.02
C ALA A 127 1.07 -2.25 40.02
N GLU A 128 0.98 -1.16 39.27
CA GLU A 128 -0.24 -0.35 39.16
C GLU A 128 -1.42 -1.10 38.52
N VAL A 129 -1.19 -1.89 37.48
CA VAL A 129 -2.27 -2.64 36.82
C VAL A 129 -2.76 -3.76 37.74
N ALA A 130 -1.83 -4.54 38.34
CA ALA A 130 -2.17 -5.58 39.33
C ALA A 130 -3.01 -4.94 40.46
N TYR A 131 -2.62 -3.74 40.92
CA TYR A 131 -3.35 -3.06 41.96
C TYR A 131 -4.78 -2.73 41.49
N LEU A 132 -5.04 -2.16 40.29
CA LEU A 132 -6.42 -2.00 39.84
C LEU A 132 -7.17 -3.36 39.64
N VAL A 133 -6.56 -4.41 39.06
CA VAL A 133 -7.20 -5.74 38.91
C VAL A 133 -7.62 -6.25 40.29
N GLY A 134 -6.79 -5.99 41.30
CA GLY A 134 -7.06 -6.36 42.67
C GLY A 134 -8.28 -5.65 43.21
N VAL A 135 -8.39 -4.34 43.06
CA VAL A 135 -9.55 -3.57 43.49
C VAL A 135 -10.83 -4.08 42.80
N LEU A 136 -10.79 -4.39 41.49
CA LEU A 136 -11.97 -4.89 40.78
C LEU A 136 -12.45 -6.22 41.37
N GLN A 137 -11.51 -7.06 41.74
CA GLN A 137 -11.76 -8.34 42.35
C GLN A 137 -12.38 -8.18 43.73
N SER A 138 -11.73 -7.46 44.64
CA SER A 138 -12.26 -7.32 45.98
C SER A 138 -13.55 -6.48 46.03
N SER A 139 -13.72 -5.48 45.19
CA SER A 139 -14.87 -4.62 45.31
C SER A 139 -15.99 -4.97 44.39
N PHE A 140 -15.78 -5.62 43.24
CA PHE A 140 -16.91 -5.84 42.36
C PHE A 140 -17.12 -7.31 42.14
N ASP A 141 -16.33 -8.15 42.84
CA ASP A 141 -16.31 -9.59 42.65
C ASP A 141 -16.05 -9.94 41.15
N TYR A 142 -15.17 -9.17 40.51
CA TYR A 142 -14.94 -9.33 39.10
C TYR A 142 -13.72 -10.23 39.01
N SER A 143 -13.82 -11.42 38.46
CA SER A 143 -12.73 -12.38 38.36
C SER A 143 -11.61 -11.90 37.42
N PRO A 144 -10.31 -12.00 37.79
CA PRO A 144 -9.16 -11.76 36.91
C PRO A 144 -9.21 -12.52 35.59
N SER A 145 -9.94 -13.64 35.46
CA SER A 145 -9.97 -14.37 34.22
C SER A 145 -10.79 -13.68 33.13
N ASN A 146 -11.56 -12.67 33.54
CA ASN A 146 -12.27 -11.81 32.59
C ASN A 146 -11.30 -10.74 32.12
N VAL A 147 -10.02 -10.65 32.54
CA VAL A 147 -9.22 -9.58 31.97
C VAL A 147 -8.13 -10.12 31.08
N HIS A 148 -7.92 -9.30 30.05
CA HIS A 148 -6.90 -9.58 29.04
C HIS A 148 -5.86 -8.45 29.06
N ILE A 149 -4.54 -8.63 29.15
CA ILE A 149 -3.63 -7.50 29.10
C ILE A 149 -2.91 -7.66 27.75
N ILE A 150 -2.75 -6.60 26.97
CA ILE A 150 -2.08 -6.60 25.67
C ILE A 150 -0.91 -5.65 25.88
N GLY A 151 0.32 -6.03 25.64
CA GLY A 151 1.42 -5.12 25.87
C GLY A 151 2.31 -5.17 24.66
N HIS A 152 2.88 -4.05 24.22
CA HIS A 152 3.68 -4.00 23.01
C HIS A 152 5.07 -3.62 23.46
N SER A 153 6.14 -4.15 22.88
CA SER A 153 7.49 -3.66 23.16
C SER A 153 7.82 -3.78 24.66
N LEU A 154 8.35 -2.77 25.34
CA LEU A 154 8.69 -2.77 26.75
C LEU A 154 7.42 -3.00 27.58
N GLY A 155 6.29 -2.51 27.06
CA GLY A 155 4.98 -2.71 27.66
C GLY A 155 4.58 -4.18 27.76
N SER A 156 5.13 -5.12 26.98
CA SER A 156 4.72 -6.49 27.16
C SER A 156 5.35 -7.08 28.44
N HIS A 157 6.46 -6.48 28.89
CA HIS A 157 7.10 -6.91 30.13
C HIS A 157 6.38 -6.26 31.32
N ALA A 158 5.71 -5.10 31.21
CA ALA A 158 4.91 -4.53 32.28
C ALA A 158 3.68 -5.42 32.44
N ALA A 159 3.15 -5.90 31.30
CA ALA A 159 2.01 -6.84 31.31
C ALA A 159 2.38 -8.12 32.05
N GLY A 160 3.58 -8.64 31.86
CA GLY A 160 4.09 -9.80 32.54
C GLY A 160 4.23 -9.51 34.03
N GLU A 161 4.65 -8.31 34.42
CA GLU A 161 4.85 -8.03 35.82
C GLU A 161 3.51 -8.02 36.53
N ALA A 162 2.47 -7.55 35.85
CA ALA A 162 1.14 -7.55 36.42
C ALA A 162 0.55 -8.93 36.59
N GLY A 163 0.71 -9.76 35.54
CA GLY A 163 0.32 -11.14 35.58
C GLY A 163 1.05 -11.89 36.71
N ARG A 164 2.35 -11.67 36.89
CA ARG A 164 3.11 -12.28 37.97
C ARG A 164 2.55 -11.81 39.33
N ARG A 165 2.21 -10.55 39.51
CA ARG A 165 1.62 -10.10 40.78
C ARG A 165 0.20 -10.62 41.02
N THR A 166 -0.51 -11.09 40.01
CA THR A 166 -1.83 -11.68 40.23
C THR A 166 -1.75 -13.18 40.36
N ASN A 167 -0.52 -13.64 40.56
CA ASN A 167 -0.20 -15.04 40.65
C ASN A 167 -0.64 -15.76 39.37
N GLY A 168 -0.61 -15.20 38.16
CA GLY A 168 -1.04 -15.87 36.95
C GLY A 168 -2.57 -16.06 36.85
N ALA A 169 -3.38 -15.39 37.69
CA ALA A 169 -4.83 -15.56 37.61
C ALA A 169 -5.49 -14.80 36.46
N VAL A 170 -4.79 -13.78 35.95
CA VAL A 170 -5.20 -13.05 34.76
C VAL A 170 -5.55 -14.02 33.60
N GLY A 171 -6.70 -13.79 32.97
CA GLY A 171 -7.20 -14.64 31.91
C GLY A 171 -6.26 -14.68 30.71
N ARG A 172 -5.76 -13.59 30.09
CA ARG A 172 -4.86 -13.67 28.92
C ARG A 172 -3.85 -12.52 28.86
N ILE A 173 -2.61 -12.75 28.43
CA ILE A 173 -1.68 -11.67 28.14
C ILE A 173 -1.31 -11.92 26.66
N THR A 174 -1.28 -10.87 25.81
CA THR A 174 -0.71 -10.91 24.46
C THR A 174 0.57 -10.06 24.45
N GLY A 175 1.71 -10.66 24.07
CA GLY A 175 2.92 -9.92 23.98
C GLY A 175 3.14 -9.56 22.52
N LEU A 176 3.17 -8.27 22.17
CA LEU A 176 3.38 -7.81 20.81
C LEU A 176 4.80 -7.30 20.77
N ASP A 177 5.61 -8.18 20.17
CA ASP A 177 7.05 -8.08 20.00
C ASP A 177 7.73 -7.56 21.27
N PRO A 178 7.72 -8.38 22.34
CA PRO A 178 8.48 -8.12 23.57
C PRO A 178 9.90 -7.61 23.31
N ALA A 179 10.29 -6.48 23.89
CA ALA A 179 11.60 -5.88 23.61
C ALA A 179 12.65 -6.81 24.17
N GLU A 180 13.76 -6.92 23.44
CA GLU A 180 14.86 -7.77 23.81
C GLU A 180 15.90 -7.17 24.77
N PRO A 181 16.53 -6.01 24.50
CA PRO A 181 17.65 -5.51 25.31
C PRO A 181 17.18 -5.36 26.75
N CYS A 182 17.97 -5.92 27.66
CA CYS A 182 17.77 -5.97 29.10
C CYS A 182 16.71 -6.99 29.54
N PHE A 183 16.17 -7.81 28.62
CA PHE A 183 15.17 -8.79 28.97
C PHE A 183 15.39 -10.17 28.42
N GLN A 184 15.76 -10.38 27.15
CA GLN A 184 15.93 -11.75 26.68
C GLN A 184 16.93 -12.56 27.52
N GLY A 185 16.62 -13.80 27.91
CA GLY A 185 17.60 -14.60 28.63
C GLY A 185 17.62 -14.34 30.13
N THR A 186 16.84 -13.39 30.65
CA THR A 186 16.77 -13.16 32.08
C THR A 186 15.78 -14.20 32.68
N PRO A 187 15.75 -14.40 33.98
CA PRO A 187 14.79 -15.29 34.60
C PRO A 187 13.34 -14.82 34.38
N GLU A 188 12.37 -15.72 34.54
CA GLU A 188 10.95 -15.44 34.33
C GLU A 188 10.40 -14.35 35.21
N LEU A 189 11.05 -14.18 36.35
CA LEU A 189 10.70 -13.18 37.35
C LEU A 189 10.71 -11.81 36.69
N VAL A 190 11.75 -11.59 35.89
CA VAL A 190 11.99 -10.31 35.26
C VAL A 190 11.28 -10.11 33.92
N ARG A 191 10.93 -11.16 33.20
CA ARG A 191 10.30 -10.95 31.90
C ARG A 191 8.93 -11.60 31.79
N LEU A 192 8.34 -11.34 30.62
CA LEU A 192 7.09 -11.94 30.18
C LEU A 192 7.41 -13.42 29.89
N ASP A 193 6.56 -14.36 30.34
CA ASP A 193 6.80 -15.79 30.18
C ASP A 193 5.44 -16.48 30.34
N PRO A 194 5.15 -17.71 29.92
CA PRO A 194 3.86 -18.35 30.08
C PRO A 194 3.25 -18.49 31.48
N SER A 195 4.00 -18.48 32.60
CA SER A 195 3.37 -18.57 33.92
C SER A 195 2.66 -17.28 34.35
N ASP A 196 2.83 -16.21 33.56
CA ASP A 196 2.23 -14.95 33.94
C ASP A 196 0.75 -14.84 33.74
N ALA A 197 0.10 -15.70 32.99
CA ALA A 197 -1.35 -15.65 32.82
C ALA A 197 -1.76 -17.07 32.47
N GLN A 198 -3.07 -17.31 32.43
CA GLN A 198 -3.61 -18.60 32.02
C GLN A 198 -3.28 -18.91 30.54
N PHE A 199 -3.24 -17.91 29.66
CA PHE A 199 -2.91 -18.11 28.29
C PHE A 199 -2.06 -16.90 27.90
N VAL A 200 -0.95 -17.12 27.21
CA VAL A 200 -0.09 -16.04 26.80
C VAL A 200 0.17 -16.36 25.32
N ASP A 201 -0.06 -15.42 24.41
CA ASP A 201 0.23 -15.59 23.01
C ASP A 201 1.14 -14.43 22.68
N VAL A 202 2.18 -14.69 21.87
CA VAL A 202 3.19 -13.71 21.55
C VAL A 202 3.32 -13.55 20.01
N ILE A 203 3.55 -12.35 19.47
CA ILE A 203 3.68 -12.11 18.04
C ILE A 203 5.05 -11.50 17.88
N HIS A 204 5.90 -12.16 17.11
CA HIS A 204 7.30 -11.80 16.87
C HIS A 204 7.46 -11.09 15.52
N THR A 205 7.93 -9.82 15.46
CA THR A 205 8.08 -9.13 14.17
C THR A 205 9.43 -8.43 13.97
N ASP A 206 10.34 -8.44 14.95
CA ASP A 206 11.62 -7.77 14.83
C ASP A 206 12.69 -8.48 15.62
N ILE A 207 12.77 -9.80 15.36
CA ILE A 207 13.60 -10.67 16.14
C ILE A 207 15.07 -10.76 15.77
N ALA A 208 15.65 -10.08 14.77
CA ALA A 208 17.09 -10.19 14.55
C ALA A 208 17.84 -9.60 15.78
N PRO A 209 19.09 -9.97 16.15
CA PRO A 209 19.76 -9.47 17.38
C PRO A 209 19.86 -7.97 17.45
N PHE A 210 19.74 -7.42 18.66
CA PHE A 210 19.82 -5.97 18.82
C PHE A 210 21.24 -5.57 18.49
N ILE A 211 22.23 -6.29 19.02
CA ILE A 211 23.63 -6.06 18.67
C ILE A 211 23.94 -7.19 17.73
N PRO A 212 24.26 -6.99 16.45
CA PRO A 212 24.36 -5.69 15.79
C PRO A 212 23.27 -5.35 14.76
N ASN A 213 22.20 -6.16 14.66
CA ASN A 213 21.14 -5.99 13.65
C ASN A 213 20.04 -4.99 13.99
N LEU A 214 19.98 -4.54 15.23
CA LEU A 214 18.99 -3.60 15.72
C LEU A 214 17.53 -4.06 15.67
N GLY A 215 17.34 -5.35 15.84
CA GLY A 215 15.98 -5.88 15.94
C GLY A 215 15.65 -5.65 17.41
N PHE A 216 14.66 -4.84 17.72
CA PHE A 216 14.24 -4.64 19.10
C PHE A 216 13.44 -5.79 19.74
N GLY A 217 12.93 -6.81 18.99
CA GLY A 217 12.07 -7.82 19.60
C GLY A 217 12.87 -9.05 19.99
N MET A 218 12.51 -9.77 21.02
CA MET A 218 13.11 -11.05 21.41
C MET A 218 12.91 -12.11 20.34
N SER A 219 13.91 -12.95 20.16
CA SER A 219 13.76 -14.16 19.35
C SER A 219 13.30 -15.32 20.24
N GLN A 220 13.66 -15.21 21.50
CA GLN A 220 13.29 -16.16 22.49
C GLN A 220 11.78 -16.27 22.60
N THR A 221 11.35 -17.51 22.76
CA THR A 221 9.96 -17.89 22.97
C THR A 221 9.36 -17.42 24.32
N ALA A 222 8.12 -16.94 24.42
CA ALA A 222 7.61 -16.48 25.71
C ALA A 222 6.15 -16.74 25.97
N GLY A 223 5.47 -17.51 25.13
CA GLY A 223 4.04 -17.74 25.33
C GLY A 223 3.67 -19.21 25.22
N HIS A 224 2.39 -19.53 25.26
CA HIS A 224 1.98 -20.88 24.99
C HIS A 224 2.09 -20.98 23.48
N LEU A 225 1.73 -19.89 22.76
CA LEU A 225 1.75 -19.82 21.31
C LEU A 225 2.67 -18.71 20.93
N ASP A 226 3.64 -19.01 20.08
CA ASP A 226 4.53 -17.99 19.55
C ASP A 226 4.37 -17.97 18.03
N PHE A 227 3.95 -16.80 17.53
CA PHE A 227 3.73 -16.60 16.13
C PHE A 227 4.90 -15.82 15.53
N PHE A 228 5.40 -16.25 14.38
CA PHE A 228 6.47 -15.57 13.67
C PHE A 228 5.95 -15.20 12.27
N PRO A 229 5.06 -14.21 12.11
CA PRO A 229 4.59 -13.85 10.78
C PRO A 229 5.78 -13.33 9.93
N ASN A 230 5.83 -13.78 8.68
CA ASN A 230 6.85 -13.46 7.66
C ASN A 230 8.24 -13.84 8.10
N GLY A 231 8.29 -14.78 9.05
CA GLY A 231 9.54 -15.25 9.55
C GLY A 231 9.95 -14.50 10.81
N GLY A 232 9.30 -13.38 11.18
CA GLY A 232 9.69 -12.64 12.37
C GLY A 232 10.89 -11.72 12.25
N LYS A 233 11.72 -11.74 11.19
CA LYS A 233 12.87 -10.86 11.12
C LYS A 233 12.64 -9.65 10.25
N GLU A 234 12.12 -9.78 9.02
CA GLU A 234 11.93 -8.67 8.12
C GLU A 234 10.50 -8.65 7.69
N MET A 235 9.79 -7.59 7.97
CA MET A 235 8.39 -7.54 7.59
C MET A 235 8.23 -6.91 6.20
N PRO A 236 7.41 -7.44 5.28
CA PRO A 236 7.14 -6.78 4.02
C PRO A 236 6.58 -5.37 4.18
N GLY A 237 7.01 -4.43 3.32
CA GLY A 237 6.62 -3.02 3.43
C GLY A 237 7.55 -2.25 4.40
N CYS A 238 8.56 -2.86 5.04
CA CYS A 238 9.42 -2.15 5.97
C CYS A 238 10.88 -2.06 5.55
N GLN A 239 11.53 -1.03 6.05
CA GLN A 239 12.90 -0.63 5.72
C GLN A 239 13.74 -1.43 6.68
N LYS A 240 15.02 -1.62 6.43
CA LYS A 240 15.83 -2.46 7.29
C LYS A 240 16.85 -1.55 7.95
N ASN A 241 17.34 -1.97 9.11
CA ASN A 241 18.30 -1.20 9.86
C ASN A 241 19.67 -1.77 9.55
N VAL A 242 20.60 -0.82 9.46
CA VAL A 242 22.00 -1.09 9.15
C VAL A 242 22.72 -1.65 10.39
N LEU A 243 23.70 -2.48 10.10
CA LEU A 243 24.36 -3.26 11.13
C LEU A 243 25.34 -2.40 11.90
N SER A 244 25.46 -2.64 13.19
CA SER A 244 26.19 -1.74 14.04
C SER A 244 26.73 -2.54 15.23
N GLN A 245 28.05 -2.70 15.36
CA GLN A 245 28.63 -3.52 16.43
C GLN A 245 28.43 -2.97 17.86
N ILE A 246 28.21 -1.67 17.90
CA ILE A 246 28.02 -0.93 19.11
C ILE A 246 26.88 0.05 18.70
N VAL A 247 25.89 0.33 19.55
CA VAL A 247 24.72 1.07 19.14
C VAL A 247 24.37 2.02 20.24
N ASP A 248 23.63 3.06 19.97
CA ASP A 248 23.25 4.05 20.95
C ASP A 248 21.81 3.82 21.39
N ILE A 249 21.60 2.94 22.39
CA ILE A 249 20.23 2.55 22.77
C ILE A 249 19.41 3.71 23.36
N ASP A 250 19.98 4.60 24.19
CA ASP A 250 19.24 5.73 24.66
C ASP A 250 18.85 6.67 23.54
N GLY A 251 19.67 6.90 22.52
CA GLY A 251 19.25 7.78 21.45
C GLY A 251 18.12 7.18 20.65
N ILE A 252 18.24 5.87 20.38
CA ILE A 252 17.20 5.09 19.70
C ILE A 252 15.86 5.16 20.47
N TRP A 253 15.83 4.77 21.75
CA TRP A 253 14.60 4.75 22.53
C TRP A 253 14.02 6.15 22.65
N GLN A 254 14.89 7.13 22.80
CA GLN A 254 14.44 8.50 22.95
C GLN A 254 14.17 9.22 21.64
N GLY A 255 14.27 8.58 20.49
CA GLY A 255 13.90 9.22 19.22
C GLY A 255 14.91 10.26 18.72
N THR A 256 16.14 10.31 19.23
CA THR A 256 17.10 11.29 18.74
C THR A 256 18.07 10.62 17.77
N ARG A 257 18.25 9.31 17.87
CA ARG A 257 19.08 8.57 16.93
C ARG A 257 18.16 8.04 15.82
N ASP A 258 18.70 7.60 14.69
CA ASP A 258 17.91 7.14 13.55
C ASP A 258 17.74 5.64 13.75
N PHE A 259 16.51 5.16 13.62
CA PHE A 259 16.20 3.76 13.78
C PHE A 259 14.92 3.60 13.01
N ALA A 260 14.88 2.63 12.12
CA ALA A 260 13.68 2.30 11.40
C ALA A 260 12.87 1.36 12.32
N ALA A 261 11.78 1.86 12.84
CA ALA A 261 10.98 1.12 13.79
C ALA A 261 9.88 0.32 13.10
N CYS A 262 9.79 0.26 11.78
CA CYS A 262 8.71 -0.43 11.09
C CYS A 262 8.44 -1.89 11.50
N ASN A 263 9.49 -2.70 11.58
CA ASN A 263 9.42 -4.08 12.02
C ASN A 263 8.81 -4.26 13.40
N HIS A 264 9.35 -3.56 14.40
CA HIS A 264 8.82 -3.60 15.76
C HIS A 264 7.35 -3.14 15.85
N LEU A 265 6.88 -2.13 15.13
CA LEU A 265 5.52 -1.65 15.21
C LEU A 265 4.49 -2.49 14.47
N ARG A 266 4.97 -3.31 13.52
CA ARG A 266 4.04 -4.18 12.77
C ARG A 266 3.24 -5.15 13.64
N SER A 267 3.79 -5.61 14.77
CA SER A 267 3.07 -6.49 15.69
C SER A 267 1.72 -5.90 16.09
N TYR A 268 1.60 -4.62 16.45
CA TYR A 268 0.28 -4.16 16.83
C TYR A 268 -0.55 -3.79 15.61
N LYS A 269 0.08 -3.57 14.44
CA LYS A 269 -0.68 -3.31 13.24
C LYS A 269 -1.42 -4.56 12.77
N TYR A 270 -0.79 -5.73 12.86
CA TYR A 270 -1.41 -6.98 12.53
C TYR A 270 -2.46 -7.25 13.60
N TYR A 271 -2.21 -6.96 14.89
CA TYR A 271 -3.23 -7.27 15.87
C TYR A 271 -4.47 -6.43 15.56
N THR A 272 -4.37 -5.11 15.29
CA THR A 272 -5.51 -4.23 14.95
C THR A 272 -6.32 -4.79 13.76
N ASP A 273 -5.68 -5.27 12.69
CA ASP A 273 -6.44 -5.82 11.57
C ASP A 273 -7.02 -7.18 11.89
N SER A 274 -6.43 -7.98 12.81
CA SER A 274 -7.01 -9.27 13.13
C SER A 274 -8.41 -9.15 13.74
N ILE A 275 -8.70 -8.11 14.51
CA ILE A 275 -9.98 -7.87 15.16
C ILE A 275 -11.14 -7.90 14.16
N LEU A 276 -10.94 -7.28 12.99
CA LEU A 276 -11.99 -7.18 11.99
C LEU A 276 -11.87 -8.29 10.95
N ASN A 277 -10.90 -9.18 11.00
CA ASN A 277 -10.78 -10.20 9.95
C ASN A 277 -10.61 -11.52 10.67
N PRO A 278 -11.68 -12.11 11.20
CA PRO A 278 -11.60 -13.26 12.11
C PRO A 278 -10.94 -14.48 11.47
N ASP A 279 -10.79 -14.66 10.16
CA ASP A 279 -10.09 -15.86 9.65
C ASP A 279 -8.91 -15.49 8.77
N GLY A 280 -8.47 -14.23 8.84
CA GLY A 280 -7.45 -13.73 7.95
C GLY A 280 -6.02 -13.89 8.40
N PHE A 281 -5.77 -14.62 9.50
CA PHE A 281 -4.42 -14.73 9.99
C PHE A 281 -4.17 -16.14 10.48
N ALA A 282 -4.46 -17.19 9.69
CA ALA A 282 -4.27 -18.57 10.13
C ALA A 282 -2.78 -18.91 10.35
N GLY A 283 -2.35 -19.40 11.52
CA GLY A 283 -0.97 -19.76 11.75
C GLY A 283 -0.84 -21.26 11.54
N PHE A 284 0.22 -21.71 10.86
CA PHE A 284 0.41 -23.11 10.54
C PHE A 284 1.46 -23.72 11.49
N SER A 285 1.32 -24.87 12.16
CA SER A 285 2.46 -25.43 12.92
C SER A 285 3.50 -25.87 11.89
N CYS A 286 4.73 -25.52 12.19
CA CYS A 286 5.80 -25.83 11.29
C CYS A 286 7.04 -25.73 12.16
N ALA A 287 8.07 -26.51 11.86
CA ALA A 287 9.31 -26.50 12.62
C ALA A 287 10.08 -25.22 12.35
N SER A 288 10.00 -24.63 11.14
CA SER A 288 10.72 -23.39 10.88
C SER A 288 10.04 -22.66 9.74
N TYR A 289 10.54 -21.44 9.55
CA TYR A 289 10.05 -20.60 8.48
C TYR A 289 10.52 -21.15 7.15
N SER A 290 11.75 -21.68 7.03
CA SER A 290 12.20 -22.20 5.75
C SER A 290 11.41 -23.42 5.27
N ASP A 291 10.97 -24.28 6.18
CA ASP A 291 10.07 -25.37 5.84
C ASP A 291 8.72 -24.79 5.40
N PHE A 292 8.27 -23.73 6.05
CA PHE A 292 7.02 -23.12 5.64
C PHE A 292 7.15 -22.58 4.22
N THR A 293 8.22 -21.86 3.88
CA THR A 293 8.28 -21.25 2.57
C THR A 293 8.63 -22.29 1.53
N ALA A 294 9.21 -23.42 1.96
CA ALA A 294 9.41 -24.55 1.08
C ALA A 294 8.10 -25.34 0.95
N ASN A 295 6.94 -24.83 1.38
CA ASN A 295 5.67 -25.47 1.16
C ASN A 295 5.53 -26.84 1.77
N LYS A 296 6.10 -26.96 2.96
CA LYS A 296 6.02 -28.21 3.71
C LYS A 296 5.06 -28.17 4.90
N CYS A 297 4.31 -27.10 5.18
CA CYS A 297 3.46 -27.05 6.39
C CYS A 297 2.00 -26.63 6.17
N PHE A 298 1.43 -26.95 5.02
CA PHE A 298 0.08 -26.57 4.69
C PHE A 298 -0.66 -27.93 4.55
N PRO A 299 -1.99 -28.19 4.71
CA PRO A 299 -2.99 -27.24 5.19
C PRO A 299 -2.92 -27.15 6.70
N CYS A 300 -3.89 -26.61 7.40
CA CYS A 300 -3.88 -26.55 8.86
C CYS A 300 -4.02 -27.99 9.42
N SER A 301 -3.49 -28.16 10.64
CA SER A 301 -3.67 -29.35 11.46
C SER A 301 -5.20 -29.59 11.57
N SER A 302 -5.68 -30.79 11.74
CA SER A 302 -7.11 -31.10 11.71
C SER A 302 -8.09 -30.45 12.68
N GLU A 303 -7.57 -30.03 13.83
CA GLU A 303 -8.40 -29.29 14.78
C GLU A 303 -8.46 -27.78 14.46
N GLY A 304 -7.92 -27.39 13.30
CA GLY A 304 -7.90 -26.01 12.86
C GLY A 304 -6.58 -25.31 13.18
N CYS A 305 -6.31 -24.26 12.40
CA CYS A 305 -5.16 -23.38 12.66
C CYS A 305 -5.55 -22.40 13.78
N PRO A 306 -4.65 -21.94 14.65
CA PRO A 306 -4.88 -20.77 15.50
C PRO A 306 -4.95 -19.47 14.68
N GLN A 307 -5.77 -18.49 15.06
CA GLN A 307 -5.72 -17.20 14.35
C GLN A 307 -4.70 -16.35 15.09
N MET A 308 -3.70 -15.79 14.44
CA MET A 308 -2.78 -14.91 15.14
C MET A 308 -3.59 -13.66 15.50
N GLY A 309 -3.39 -13.03 16.66
CA GLY A 309 -4.10 -11.82 16.98
C GLY A 309 -5.24 -12.01 17.94
N HIS A 310 -6.27 -11.22 17.71
CA HIS A 310 -7.40 -11.12 18.63
C HIS A 310 -8.04 -12.46 18.88
N TYR A 311 -8.14 -13.35 17.89
CA TYR A 311 -8.90 -14.58 18.07
C TYR A 311 -8.07 -15.78 18.45
N ALA A 312 -6.81 -15.65 18.83
CA ALA A 312 -6.00 -16.81 19.20
C ALA A 312 -6.59 -17.58 20.37
N ASP A 313 -7.53 -17.02 21.15
CA ASP A 313 -8.03 -17.74 22.31
C ASP A 313 -9.14 -18.71 21.96
N ARG A 314 -9.48 -18.79 20.69
CA ARG A 314 -10.46 -19.75 20.22
C ARG A 314 -9.78 -21.05 19.87
N PHE A 315 -8.47 -21.08 19.71
CA PHE A 315 -7.76 -22.28 19.39
C PHE A 315 -7.92 -23.34 20.49
N PRO A 316 -8.48 -24.52 20.10
CA PRO A 316 -8.69 -25.69 20.95
C PRO A 316 -7.41 -26.16 21.64
N GLY A 317 -6.22 -26.38 21.10
CA GLY A 317 -5.19 -26.82 22.07
C GLY A 317 -4.33 -25.72 22.61
N ARG A 318 -4.84 -24.53 22.94
CA ARG A 318 -3.96 -23.41 23.19
C ARG A 318 -3.01 -23.52 24.35
N THR A 319 -3.26 -24.33 25.37
CA THR A 319 -2.31 -24.41 26.46
C THR A 319 -1.70 -25.79 26.62
N LYS A 320 -1.72 -26.61 25.57
CA LYS A 320 -1.16 -27.95 25.66
C LYS A 320 0.35 -27.95 25.76
N GLY A 321 1.03 -26.85 25.48
CA GLY A 321 2.46 -26.78 25.53
C GLY A 321 2.81 -25.31 25.54
N VAL A 322 4.07 -24.96 25.75
CA VAL A 322 4.54 -23.59 25.76
C VAL A 322 5.57 -23.57 24.65
N GLY A 323 5.62 -22.44 23.95
CA GLY A 323 6.56 -22.27 22.86
C GLY A 323 6.11 -23.00 21.61
N GLN A 324 4.80 -23.22 21.41
CA GLN A 324 4.35 -23.89 20.19
C GLN A 324 4.54 -22.91 19.04
N LEU A 325 5.20 -23.35 17.98
CA LEU A 325 5.53 -22.51 16.85
C LEU A 325 4.47 -22.46 15.76
N PHE A 326 4.19 -21.24 15.25
CA PHE A 326 3.28 -21.06 14.14
C PHE A 326 3.85 -20.00 13.21
N TYR A 327 3.78 -20.29 11.93
CA TYR A 327 4.28 -19.38 10.90
C TYR A 327 3.16 -19.05 9.93
N LEU A 328 3.28 -17.88 9.30
CA LEU A 328 2.26 -17.39 8.37
C LEU A 328 2.88 -16.16 7.68
N ASN A 329 2.27 -15.67 6.58
CA ASN A 329 2.73 -14.44 5.95
C ASN A 329 1.58 -13.48 5.98
N THR A 330 1.85 -12.18 5.93
CA THR A 330 0.81 -11.16 5.98
C THR A 330 0.99 -10.30 4.73
N GLY A 331 0.14 -9.32 4.55
CA GLY A 331 0.31 -8.38 3.46
C GLY A 331 1.41 -7.40 3.78
N ASP A 332 1.66 -6.52 2.82
CA ASP A 332 2.65 -5.47 3.01
C ASP A 332 2.09 -4.14 3.43
N ALA A 333 0.78 -4.04 3.51
CA ALA A 333 0.12 -2.84 3.98
C ALA A 333 -1.28 -3.24 4.41
N SER A 334 -2.02 -2.33 5.04
CA SER A 334 -3.30 -2.68 5.51
C SER A 334 -4.35 -3.03 4.43
N ASN A 335 -5.52 -3.70 4.37
CA ASN A 335 -5.70 -4.87 5.24
C ASN A 335 -4.56 -5.86 5.12
N PHE A 336 -3.89 -6.27 6.15
CA PHE A 336 -2.75 -7.19 6.17
C PHE A 336 -3.20 -8.64 6.04
N ALA A 337 -4.50 -8.94 6.15
CA ALA A 337 -5.04 -10.29 6.05
C ALA A 337 -4.77 -10.95 4.72
N ARG A 338 -4.41 -12.23 4.82
CA ARG A 338 -4.10 -13.07 3.66
C ARG A 338 -4.66 -14.46 3.93
N TRP A 339 -4.99 -15.15 2.85
CA TRP A 339 -5.54 -16.48 2.92
C TRP A 339 -4.70 -17.36 2.00
N ARG A 340 -4.05 -18.38 2.57
CA ARG A 340 -3.17 -19.22 1.75
C ARG A 340 -3.88 -20.37 1.04
N TYR A 341 -3.45 -20.62 -0.19
CA TYR A 341 -4.00 -21.66 -1.04
C TYR A 341 -2.88 -22.50 -1.58
N ARG A 342 -3.09 -23.79 -1.90
CA ARG A 342 -2.07 -24.61 -2.60
C ARG A 342 -2.71 -24.99 -3.93
N VAL A 343 -1.94 -24.84 -5.00
CA VAL A 343 -2.38 -25.07 -6.37
C VAL A 343 -1.38 -26.00 -7.08
N ASP A 344 -1.87 -27.03 -7.77
CA ASP A 344 -1.05 -28.00 -8.50
C ASP A 344 -1.52 -27.96 -9.92
N VAL A 345 -0.61 -27.65 -10.84
CA VAL A 345 -0.97 -27.59 -12.24
C VAL A 345 -0.16 -28.62 -13.04
N THR A 346 -0.89 -29.37 -13.85
CA THR A 346 -0.33 -30.33 -14.78
C THR A 346 -0.42 -29.75 -16.19
N LEU A 347 0.72 -29.45 -16.79
CA LEU A 347 0.76 -28.82 -18.09
C LEU A 347 0.67 -29.78 -19.25
N SER A 348 -0.11 -29.38 -20.25
CA SER A 348 -0.24 -30.15 -21.46
C SER A 348 0.18 -29.19 -22.57
N GLY A 349 0.35 -29.73 -23.78
CA GLY A 349 0.77 -28.95 -24.93
C GLY A 349 2.26 -29.17 -25.16
N LYS A 350 2.92 -28.14 -25.67
CA LYS A 350 4.31 -28.30 -26.07
C LYS A 350 5.23 -27.92 -24.94
N LYS A 351 6.55 -28.20 -25.08
CA LYS A 351 7.58 -27.74 -24.15
C LYS A 351 7.82 -26.30 -24.55
N VAL A 352 8.09 -25.47 -23.57
CA VAL A 352 8.22 -24.02 -23.74
C VAL A 352 9.07 -23.59 -22.55
N THR A 353 9.48 -22.33 -22.59
CA THR A 353 10.07 -21.73 -21.42
C THR A 353 9.22 -20.49 -21.11
N GLY A 354 8.66 -20.35 -19.91
CA GLY A 354 7.88 -19.18 -19.57
C GLY A 354 7.36 -19.30 -18.15
N HIS A 355 6.35 -18.49 -17.78
CA HIS A 355 5.77 -18.57 -16.46
C HIS A 355 4.30 -18.79 -16.63
N VAL A 356 3.72 -19.43 -15.62
CA VAL A 356 2.34 -19.87 -15.57
C VAL A 356 1.63 -19.18 -14.39
N LEU A 357 0.55 -18.48 -14.65
CA LEU A 357 -0.23 -17.77 -13.66
C LEU A 357 -1.57 -18.46 -13.54
N VAL A 358 -2.27 -18.38 -12.41
CA VAL A 358 -3.59 -19.03 -12.22
C VAL A 358 -4.43 -18.04 -11.41
N SER A 359 -5.76 -18.01 -11.56
CA SER A 359 -6.60 -17.10 -10.79
C SER A 359 -7.77 -17.91 -10.27
N LEU A 360 -8.24 -17.73 -9.06
CA LEU A 360 -9.33 -18.54 -8.54
C LEU A 360 -10.61 -17.74 -8.53
N PHE A 361 -11.72 -18.37 -8.93
CA PHE A 361 -13.05 -17.77 -8.96
C PHE A 361 -13.98 -18.65 -8.13
N GLY A 362 -14.55 -18.03 -7.11
CA GLY A 362 -15.46 -18.69 -6.17
C GLY A 362 -16.71 -17.85 -5.98
N ASN A 363 -17.59 -18.34 -5.12
CA ASN A 363 -18.83 -17.63 -4.81
C ASN A 363 -18.65 -16.33 -4.03
N LYS A 364 -17.55 -16.14 -3.32
CA LYS A 364 -17.37 -14.90 -2.58
C LYS A 364 -16.48 -13.93 -3.32
N GLY A 365 -15.87 -14.27 -4.44
CA GLY A 365 -15.09 -13.30 -5.21
C GLY A 365 -14.04 -14.05 -5.99
N ASN A 366 -13.09 -13.35 -6.61
CA ASN A 366 -11.99 -14.02 -7.30
C ASN A 366 -10.71 -13.35 -6.93
N SER A 367 -9.60 -14.03 -7.12
CA SER A 367 -8.35 -13.50 -6.67
C SER A 367 -7.62 -12.81 -7.82
N ARG A 368 -6.44 -12.25 -7.53
CA ARG A 368 -5.48 -11.76 -8.50
C ARG A 368 -4.91 -13.01 -9.21
N GLN A 369 -4.04 -12.84 -10.21
CA GLN A 369 -3.38 -13.95 -10.88
C GLN A 369 -2.04 -14.18 -10.19
N TYR A 370 -1.79 -15.39 -9.72
CA TYR A 370 -0.51 -15.59 -9.07
C TYR A 370 0.38 -16.47 -9.92
N GLU A 371 1.69 -16.24 -9.83
CA GLU A 371 2.65 -17.07 -10.53
C GLU A 371 2.90 -18.33 -9.73
N ILE A 372 2.66 -19.44 -10.42
CA ILE A 372 2.93 -20.78 -9.91
C ILE A 372 4.35 -21.22 -10.31
N PHE A 373 4.82 -20.97 -11.54
CA PHE A 373 6.13 -21.44 -11.94
C PHE A 373 6.63 -20.61 -13.11
N GLN A 374 7.96 -20.51 -13.18
CA GLN A 374 8.70 -19.78 -14.18
C GLN A 374 9.89 -20.67 -14.57
N GLY A 375 9.99 -21.11 -15.82
CA GLY A 375 11.12 -21.91 -16.29
C GLY A 375 10.67 -22.81 -17.43
N THR A 376 11.31 -23.96 -17.64
CA THR A 376 10.91 -24.82 -18.72
C THR A 376 9.62 -25.52 -18.37
N LEU A 377 8.62 -25.35 -19.24
CA LEU A 377 7.31 -25.96 -19.09
C LEU A 377 7.23 -27.28 -19.83
N LYS A 378 7.47 -28.36 -19.11
CA LYS A 378 7.46 -29.68 -19.70
C LYS A 378 6.03 -30.18 -19.64
N PRO A 379 5.41 -30.66 -20.71
CA PRO A 379 4.15 -31.37 -20.64
C PRO A 379 4.22 -32.61 -19.78
N ASP A 380 3.00 -32.99 -19.40
CA ASP A 380 2.67 -34.06 -18.45
C ASP A 380 3.12 -33.77 -17.01
N ASN A 381 4.22 -33.03 -16.75
CA ASN A 381 4.59 -32.55 -15.43
C ASN A 381 3.58 -31.78 -14.58
N THR A 382 3.76 -31.90 -13.27
CA THR A 382 2.98 -31.14 -12.31
C THR A 382 3.85 -30.19 -11.48
N TYR A 383 3.47 -28.92 -11.46
CA TYR A 383 4.17 -27.83 -10.75
C TYR A 383 3.21 -27.39 -9.65
N SER A 384 3.71 -27.23 -8.43
CA SER A 384 2.84 -26.90 -7.35
C SER A 384 3.35 -25.65 -6.69
N ASN A 385 2.49 -24.90 -6.01
CA ASN A 385 2.94 -23.73 -5.29
C ASN A 385 1.86 -23.28 -4.32
N GLU A 386 2.22 -22.53 -3.29
CA GLU A 386 1.27 -22.02 -2.33
C GLU A 386 1.48 -20.53 -2.37
N PHE A 387 0.34 -19.86 -2.36
CA PHE A 387 0.43 -18.41 -2.34
C PHE A 387 -0.54 -17.85 -1.34
N ASP A 388 -0.27 -16.63 -0.93
CA ASP A 388 -1.09 -15.90 0.01
C ASP A 388 -1.93 -14.86 -0.75
N SER A 389 -3.19 -15.21 -0.89
CA SER A 389 -4.17 -14.42 -1.60
C SER A 389 -4.70 -13.33 -0.70
N ASP A 390 -4.89 -12.14 -1.27
CA ASP A 390 -5.49 -11.05 -0.52
C ASP A 390 -7.02 -11.09 -0.61
N VAL A 391 -7.69 -12.12 -1.18
CA VAL A 391 -9.16 -12.24 -1.26
C VAL A 391 -9.52 -13.64 -0.82
N GLU A 392 -10.57 -13.84 -0.03
CA GLU A 392 -10.99 -15.19 0.30
C GLU A 392 -12.11 -15.51 -0.70
N VAL A 393 -11.92 -16.50 -1.56
CA VAL A 393 -12.84 -16.68 -2.68
C VAL A 393 -14.07 -17.44 -2.33
N GLY A 394 -14.08 -18.19 -1.24
CA GLY A 394 -15.24 -18.98 -0.84
C GLY A 394 -15.16 -20.41 -1.37
N ASP A 395 -16.30 -20.91 -1.81
CA ASP A 395 -16.39 -22.23 -2.42
C ASP A 395 -15.99 -21.93 -3.84
N LEU A 396 -14.97 -22.65 -4.32
CA LEU A 396 -14.49 -22.48 -5.68
C LEU A 396 -15.49 -22.98 -6.69
N GLU A 397 -15.71 -22.22 -7.75
CA GLU A 397 -16.54 -22.70 -8.81
C GLU A 397 -15.71 -22.78 -10.07
N LYS A 398 -14.65 -21.98 -10.33
CA LYS A 398 -13.78 -22.23 -11.48
C LYS A 398 -12.40 -21.63 -11.25
N VAL A 399 -11.45 -21.90 -12.13
CA VAL A 399 -10.07 -21.48 -12.04
C VAL A 399 -9.69 -21.09 -13.48
N LYS A 400 -8.77 -20.15 -13.64
CA LYS A 400 -8.37 -19.67 -14.93
C LYS A 400 -6.84 -19.71 -15.00
N PHE A 401 -6.28 -19.93 -16.19
CA PHE A 401 -4.89 -20.19 -16.45
C PHE A 401 -4.38 -19.31 -17.59
N ILE A 402 -3.11 -18.87 -17.58
CA ILE A 402 -2.54 -18.12 -18.66
C ILE A 402 -1.02 -18.31 -18.54
N TRP A 403 -0.30 -18.31 -19.66
CA TRP A 403 1.14 -18.44 -19.65
C TRP A 403 1.80 -17.37 -20.54
N TYR A 404 3.06 -17.04 -20.30
CA TYR A 404 3.77 -16.05 -21.10
C TYR A 404 5.05 -16.73 -21.49
N ASN A 405 5.47 -16.55 -22.74
CA ASN A 405 6.65 -17.23 -23.26
C ASN A 405 7.75 -16.22 -23.14
N ASN A 406 8.89 -16.59 -22.59
CA ASN A 406 9.92 -15.60 -22.46
C ASN A 406 10.94 -15.58 -23.59
N VAL A 407 10.50 -15.76 -24.86
CA VAL A 407 11.34 -15.57 -26.03
C VAL A 407 10.46 -15.11 -27.18
N ILE A 408 11.24 -14.73 -28.21
CA ILE A 408 10.81 -14.30 -29.51
C ILE A 408 10.54 -15.64 -30.20
N ASN A 409 9.28 -16.05 -30.46
CA ASN A 409 9.02 -17.32 -31.12
C ASN A 409 7.67 -17.36 -31.85
N LEU A 410 7.73 -16.98 -33.12
CA LEU A 410 6.50 -16.94 -33.92
C LEU A 410 5.94 -18.27 -34.45
N THR A 411 6.34 -19.40 -33.84
CA THR A 411 5.77 -20.73 -34.13
C THR A 411 4.35 -20.68 -33.63
N LEU A 412 4.20 -19.94 -32.52
CA LEU A 412 2.99 -19.90 -31.71
C LEU A 412 2.82 -21.28 -31.08
N PRO A 413 3.73 -21.66 -30.15
CA PRO A 413 3.55 -22.85 -29.30
C PRO A 413 2.23 -22.79 -28.53
N LYS A 414 1.52 -23.90 -28.31
CA LYS A 414 0.39 -23.88 -27.41
C LYS A 414 0.64 -24.70 -26.13
N VAL A 415 0.18 -24.21 -24.98
CA VAL A 415 0.36 -24.82 -23.67
C VAL A 415 -0.99 -24.68 -23.00
N GLY A 416 -1.45 -25.74 -22.33
CA GLY A 416 -2.71 -25.80 -21.60
C GLY A 416 -2.46 -26.46 -20.22
N ALA A 417 -3.53 -26.69 -19.44
CA ALA A 417 -3.36 -27.36 -18.16
C ALA A 417 -4.42 -28.45 -18.14
N SER A 418 -3.98 -29.70 -18.04
CA SER A 418 -4.93 -30.79 -18.02
C SER A 418 -5.72 -30.80 -16.70
N LYS A 419 -5.05 -30.65 -15.55
CA LYS A 419 -5.75 -30.59 -14.27
C LYS A 419 -5.04 -29.56 -13.41
N ILE A 420 -5.88 -28.85 -12.66
CA ILE A 420 -5.46 -27.90 -11.63
C ILE A 420 -6.29 -28.30 -10.44
N THR A 421 -5.59 -28.61 -9.38
CA THR A 421 -6.18 -28.95 -8.08
C THR A 421 -5.95 -27.80 -7.09
N VAL A 422 -7.00 -27.31 -6.42
CA VAL A 422 -6.88 -26.23 -5.45
C VAL A 422 -7.22 -26.78 -4.06
N GLU A 423 -6.32 -26.57 -3.10
CA GLU A 423 -6.58 -26.91 -1.70
C GLU A 423 -6.56 -25.63 -0.85
N ARG A 424 -7.63 -25.53 -0.05
CA ARG A 424 -7.81 -24.48 0.94
C ARG A 424 -7.16 -24.94 2.24
N ASN A 425 -7.08 -23.99 3.17
CA ASN A 425 -6.32 -24.25 4.39
C ASN A 425 -6.99 -25.19 5.39
N ASP A 426 -8.25 -25.52 5.13
CA ASP A 426 -8.95 -26.55 5.87
C ASP A 426 -8.71 -27.95 5.29
N GLY A 427 -7.93 -28.09 4.21
CA GLY A 427 -7.71 -29.39 3.59
C GLY A 427 -8.73 -29.74 2.52
N SER A 428 -9.78 -28.96 2.26
CA SER A 428 -10.71 -29.24 1.15
C SER A 428 -10.04 -29.04 -0.22
N VAL A 429 -10.30 -30.01 -1.09
CA VAL A 429 -9.67 -30.10 -2.40
C VAL A 429 -10.69 -29.98 -3.53
N PHE A 430 -10.39 -29.19 -4.55
CA PHE A 430 -11.27 -28.96 -5.69
C PHE A 430 -10.47 -29.28 -6.93
N ASN A 431 -11.02 -30.06 -7.86
CA ASN A 431 -10.32 -30.37 -9.11
C ASN A 431 -11.04 -29.73 -10.30
N PHE A 432 -10.23 -29.32 -11.27
CA PHE A 432 -10.67 -28.60 -12.45
C PHE A 432 -9.86 -29.18 -13.61
N CYS A 433 -10.51 -29.43 -14.74
CA CYS A 433 -9.85 -30.15 -15.83
C CYS A 433 -10.03 -29.49 -17.18
N SER A 434 -9.07 -29.67 -18.10
CA SER A 434 -9.20 -29.12 -19.43
C SER A 434 -8.63 -30.08 -20.44
N GLU A 435 -9.29 -29.90 -21.58
CA GLU A 435 -9.03 -30.54 -22.86
C GLU A 435 -8.24 -29.58 -23.76
N GLU A 436 -8.31 -28.28 -23.48
CA GLU A 436 -7.67 -27.25 -24.27
C GLU A 436 -6.20 -27.02 -24.04
N THR A 437 -5.62 -26.38 -25.05
CA THR A 437 -4.25 -25.94 -25.06
C THR A 437 -4.42 -24.54 -25.68
N VAL A 438 -3.59 -23.54 -25.33
CA VAL A 438 -3.72 -22.17 -25.84
C VAL A 438 -2.39 -21.49 -26.07
N ARG A 439 -2.35 -20.51 -26.97
CA ARG A 439 -1.16 -19.70 -27.23
C ARG A 439 -0.93 -18.79 -26.00
N GLU A 440 0.22 -18.10 -25.90
CA GLU A 440 0.50 -17.28 -24.75
C GLU A 440 -0.48 -16.14 -24.67
N ASP A 441 -0.67 -15.52 -23.49
CA ASP A 441 -1.56 -14.40 -23.31
C ASP A 441 -3.00 -14.76 -23.71
N VAL A 442 -3.43 -16.02 -23.54
CA VAL A 442 -4.82 -16.40 -23.75
C VAL A 442 -5.30 -17.06 -22.45
N LEU A 443 -6.46 -16.64 -21.95
CA LEU A 443 -6.99 -17.07 -20.67
C LEU A 443 -7.92 -18.29 -20.89
N LEU A 444 -7.53 -19.39 -20.26
CA LEU A 444 -8.24 -20.65 -20.30
C LEU A 444 -9.04 -20.83 -18.99
N THR A 445 -10.35 -21.00 -19.06
CA THR A 445 -11.19 -21.27 -17.91
C THR A 445 -11.20 -22.80 -17.73
N LEU A 446 -11.20 -23.31 -16.50
CA LEU A 446 -11.27 -24.75 -16.26
C LEU A 446 -12.49 -24.98 -15.41
N THR A 447 -13.29 -25.97 -15.81
CA THR A 447 -14.48 -26.34 -15.06
C THR A 447 -14.14 -27.49 -14.13
N ALA A 448 -14.93 -27.61 -13.08
CA ALA A 448 -14.76 -28.69 -12.14
C ALA A 448 -14.85 -30.08 -12.76
N CYS A 449 -14.05 -30.96 -12.19
CA CYS A 449 -14.09 -32.35 -12.49
C CYS A 449 -13.70 -33.04 -11.16
N ASN B 1 19.57 4.42 -47.45
CA ASN B 1 19.17 5.71 -46.98
C ASN B 1 17.68 5.90 -47.21
N GLU B 2 17.00 5.35 -48.22
CA GLU B 2 15.53 5.40 -48.27
C GLU B 2 15.00 4.01 -48.65
N VAL B 3 14.04 3.38 -47.93
CA VAL B 3 13.46 2.06 -48.24
C VAL B 3 11.98 2.26 -48.44
N CYS B 4 11.29 1.54 -49.30
CA CYS B 4 9.83 1.64 -49.40
C CYS B 4 9.22 0.25 -49.29
N TYR B 5 8.09 0.10 -48.57
CA TYR B 5 7.43 -1.15 -48.24
C TYR B 5 6.00 -1.08 -48.69
N GLU B 6 5.28 -2.19 -48.94
CA GLU B 6 3.88 -2.11 -49.40
C GLU B 6 3.07 -1.61 -48.23
N ARG B 7 1.97 -0.95 -48.58
CA ARG B 7 1.00 -0.31 -47.67
C ARG B 7 1.45 0.93 -46.91
N LEU B 8 2.54 0.83 -46.14
CA LEU B 8 3.16 1.90 -45.36
C LEU B 8 4.04 2.54 -46.46
N GLY B 9 4.71 3.65 -46.41
CA GLY B 9 5.42 4.04 -47.66
C GLY B 9 6.89 3.78 -47.59
N CYS B 10 7.53 4.92 -47.77
CA CYS B 10 8.96 5.05 -47.76
C CYS B 10 9.44 5.59 -46.42
N PHE B 11 10.64 5.25 -46.01
CA PHE B 11 11.20 5.67 -44.74
C PHE B 11 12.64 6.07 -45.09
N SER B 12 13.18 7.25 -44.77
CA SER B 12 14.60 7.56 -45.04
C SER B 12 15.38 7.89 -43.77
N ASP B 13 16.71 7.98 -43.82
CA ASP B 13 17.44 8.33 -42.63
C ASP B 13 17.92 9.78 -42.68
N ASP B 14 17.22 10.57 -43.51
CA ASP B 14 17.48 11.98 -43.61
C ASP B 14 17.23 12.73 -42.31
N SER B 15 18.02 13.76 -41.98
CA SER B 15 17.68 14.66 -40.90
C SER B 15 16.24 15.18 -41.02
N PRO B 16 15.41 15.23 -39.99
CA PRO B 16 15.81 14.99 -38.62
C PRO B 16 15.58 13.58 -38.13
N TRP B 17 15.20 12.61 -38.98
CA TRP B 17 14.98 11.22 -38.59
C TRP B 17 16.23 10.55 -38.06
N ALA B 18 17.39 10.91 -38.59
CA ALA B 18 18.64 10.35 -38.09
C ALA B 18 19.78 11.32 -38.43
N GLY B 19 20.79 11.19 -37.58
CA GLY B 19 22.06 11.87 -37.75
C GLY B 19 22.06 13.25 -37.17
N ILE B 20 21.18 13.63 -36.25
CA ILE B 20 21.25 14.94 -35.61
C ILE B 20 21.84 14.69 -34.22
N VAL B 21 22.18 15.71 -33.41
CA VAL B 21 22.85 15.41 -32.16
C VAL B 21 21.96 14.63 -31.19
N GLU B 22 20.62 14.74 -31.23
CA GLU B 22 19.83 13.97 -30.28
C GLU B 22 19.69 12.53 -30.69
N ARG B 23 20.01 12.21 -31.94
CA ARG B 23 19.89 10.84 -32.41
C ARG B 23 20.88 10.62 -33.58
N PRO B 24 22.13 10.41 -33.19
CA PRO B 24 23.24 10.39 -34.12
C PRO B 24 23.41 9.16 -35.02
N LEU B 25 22.78 8.01 -34.76
CA LEU B 25 23.04 6.84 -35.60
C LEU B 25 22.21 6.89 -36.86
N LYS B 26 22.85 6.78 -38.02
CA LYS B 26 22.21 6.68 -39.33
C LYS B 26 21.73 5.21 -39.50
N ILE B 27 20.52 4.94 -39.04
CA ILE B 27 19.99 3.60 -39.00
C ILE B 27 18.53 3.70 -39.46
N LEU B 28 18.00 2.74 -40.21
CA LEU B 28 16.63 2.76 -40.68
C LEU B 28 15.77 1.87 -39.82
N PRO B 29 14.46 2.07 -39.80
CA PRO B 29 13.56 1.13 -39.16
C PRO B 29 13.57 -0.25 -39.81
N TRP B 30 13.32 -1.31 -39.04
CA TRP B 30 13.21 -2.64 -39.60
C TRP B 30 12.03 -2.72 -40.55
N SER B 31 11.99 -3.77 -41.39
CA SER B 31 10.81 -3.89 -42.24
C SER B 31 9.58 -4.28 -41.42
N PRO B 32 8.36 -4.03 -41.89
CA PRO B 32 7.12 -4.37 -41.21
C PRO B 32 6.96 -5.76 -40.60
N GLU B 33 7.35 -6.83 -41.30
CA GLU B 33 7.15 -8.18 -40.79
C GLU B 33 8.05 -8.53 -39.64
N LYS B 34 9.11 -7.78 -39.49
CA LYS B 34 10.07 -8.02 -38.43
C LYS B 34 9.59 -7.26 -37.19
N VAL B 35 8.89 -6.15 -37.38
CA VAL B 35 8.35 -5.40 -36.27
C VAL B 35 7.19 -6.18 -35.73
N ASN B 36 6.40 -6.72 -36.67
CA ASN B 36 5.22 -7.56 -36.43
C ASN B 36 4.17 -6.98 -35.50
N THR B 37 3.64 -5.81 -35.84
CA THR B 37 2.62 -5.09 -35.06
C THR B 37 1.34 -5.91 -35.12
N ARG B 38 0.72 -6.21 -33.99
CA ARG B 38 -0.50 -7.02 -33.95
C ARG B 38 -1.56 -6.17 -33.31
N PHE B 39 -2.79 -6.28 -33.78
CA PHE B 39 -3.91 -5.54 -33.23
C PHE B 39 -4.80 -6.54 -32.45
N LEU B 40 -4.89 -6.44 -31.12
CA LEU B 40 -5.59 -7.40 -30.25
C LEU B 40 -6.85 -6.69 -29.75
N LEU B 41 -7.98 -7.02 -30.38
CA LEU B 41 -9.27 -6.40 -30.03
C LEU B 41 -9.99 -6.99 -28.81
N TYR B 42 -10.27 -6.21 -27.78
CA TYR B 42 -11.10 -6.65 -26.69
C TYR B 42 -12.32 -5.74 -26.75
N THR B 43 -13.56 -6.24 -26.58
CA THR B 43 -14.73 -5.38 -26.50
C THR B 43 -15.53 -5.85 -25.29
N ASN B 44 -16.57 -5.11 -24.91
CA ASN B 44 -17.58 -5.53 -23.93
C ASN B 44 -18.09 -6.96 -24.17
N GLU B 45 -18.19 -7.38 -25.45
CA GLU B 45 -18.68 -8.70 -25.78
C GLU B 45 -17.64 -9.78 -25.63
N ASN B 46 -16.35 -9.44 -25.83
CA ASN B 46 -15.26 -10.39 -25.60
C ASN B 46 -14.26 -9.66 -24.71
N PRO B 47 -14.57 -9.59 -23.40
CA PRO B 47 -13.79 -8.84 -22.45
C PRO B 47 -12.54 -9.53 -21.95
N ASP B 48 -12.47 -10.85 -21.92
CA ASP B 48 -11.30 -11.53 -21.39
C ASP B 48 -10.20 -11.95 -22.36
N ASN B 49 -10.59 -12.15 -23.63
CA ASN B 49 -9.66 -12.63 -24.64
C ASN B 49 -9.86 -11.90 -25.92
N PHE B 50 -8.72 -11.56 -26.49
CA PHE B 50 -8.75 -10.76 -27.69
C PHE B 50 -9.23 -11.46 -28.94
N GLN B 51 -9.57 -10.68 -29.96
CA GLN B 51 -9.72 -11.17 -31.32
C GLN B 51 -8.58 -10.45 -32.03
N GLU B 52 -7.70 -11.18 -32.70
CA GLU B 52 -6.64 -10.54 -33.42
C GLU B 52 -7.25 -9.99 -34.69
N ILE B 53 -7.09 -8.71 -35.05
CA ILE B 53 -7.65 -8.26 -36.33
C ILE B 53 -6.50 -7.71 -37.18
N VAL B 54 -6.78 -7.35 -38.43
CA VAL B 54 -5.80 -6.87 -39.38
C VAL B 54 -6.61 -5.85 -40.15
N ALA B 55 -5.94 -4.87 -40.76
CA ALA B 55 -6.64 -3.82 -41.50
C ALA B 55 -7.26 -4.37 -42.79
N ASP B 56 -8.33 -5.12 -42.74
CA ASP B 56 -8.93 -5.73 -43.92
C ASP B 56 -10.42 -5.75 -43.66
N PRO B 57 -11.25 -5.22 -44.55
CA PRO B 57 -12.69 -5.08 -44.33
C PRO B 57 -13.44 -6.31 -43.81
N SER B 58 -13.23 -7.50 -44.36
CA SER B 58 -13.99 -8.63 -43.89
C SER B 58 -13.50 -9.07 -42.53
N THR B 59 -12.18 -8.98 -42.21
CA THR B 59 -11.69 -9.35 -40.90
C THR B 59 -12.34 -8.50 -39.82
N ILE B 60 -12.40 -7.20 -40.05
CA ILE B 60 -13.01 -6.31 -39.08
C ILE B 60 -14.50 -6.65 -39.05
N GLN B 61 -15.14 -6.76 -40.20
CA GLN B 61 -16.54 -7.07 -40.31
C GLN B 61 -16.93 -8.34 -39.56
N SER B 62 -16.06 -9.37 -39.56
CA SER B 62 -16.40 -10.59 -38.87
C SER B 62 -15.99 -10.53 -37.41
N SER B 63 -15.27 -9.49 -36.98
CA SER B 63 -14.88 -9.40 -35.57
C SER B 63 -15.99 -8.72 -34.79
N ASN B 64 -15.79 -8.57 -33.49
CA ASN B 64 -16.72 -7.85 -32.65
C ASN B 64 -16.64 -6.34 -32.80
N PHE B 65 -15.80 -5.74 -33.67
CA PHE B 65 -15.68 -4.27 -33.80
C PHE B 65 -17.04 -3.65 -34.08
N ASN B 66 -17.43 -2.56 -33.45
CA ASN B 66 -18.76 -2.03 -33.69
C ASN B 66 -18.62 -0.55 -33.95
N THR B 67 -19.29 -0.11 -34.99
CA THR B 67 -19.16 1.27 -35.39
C THR B 67 -20.05 2.20 -34.60
N GLY B 68 -20.92 1.83 -33.66
CA GLY B 68 -21.67 2.79 -32.88
C GLY B 68 -20.98 3.06 -31.54
N ARG B 69 -19.68 2.81 -31.41
CA ARG B 69 -18.95 3.11 -30.17
C ARG B 69 -17.53 3.60 -30.54
N LYS B 70 -16.87 4.30 -29.60
CA LYS B 70 -15.49 4.75 -29.75
C LYS B 70 -14.45 3.63 -29.75
N THR B 71 -13.30 3.91 -30.32
CA THR B 71 -12.21 2.96 -30.40
C THR B 71 -11.04 3.56 -29.63
N ARG B 72 -10.44 2.82 -28.68
CA ARG B 72 -9.28 3.33 -27.94
C ARG B 72 -8.16 2.35 -28.21
N PHE B 73 -7.06 2.79 -28.84
CA PHE B 73 -5.87 2.00 -29.11
C PHE B 73 -4.93 2.23 -27.93
N ILE B 74 -4.15 1.22 -27.52
CA ILE B 74 -3.21 1.35 -26.42
C ILE B 74 -1.88 0.81 -26.93
N ILE B 75 -0.79 1.57 -26.95
CA ILE B 75 0.46 1.11 -27.46
C ILE B 75 1.48 1.07 -26.32
N HIS B 76 2.16 -0.05 -26.12
CA HIS B 76 3.14 -0.15 -25.07
C HIS B 76 4.52 0.43 -25.48
N GLY B 77 5.43 0.62 -24.53
CA GLY B 77 6.84 0.85 -24.81
C GLY B 77 7.57 -0.17 -23.94
N PHE B 78 8.22 0.30 -22.89
CA PHE B 78 8.94 -0.54 -21.93
C PHE B 78 8.00 -1.47 -21.20
N ILE B 79 8.22 -2.76 -21.26
CA ILE B 79 7.41 -3.69 -20.52
C ILE B 79 8.22 -4.20 -19.32
N ASP B 80 7.81 -4.09 -18.07
CA ASP B 80 8.62 -4.64 -17.00
C ASP B 80 8.15 -6.05 -16.67
N LYS B 81 8.96 -6.76 -15.90
CA LYS B 81 8.66 -8.11 -15.46
C LYS B 81 7.43 -8.08 -14.57
N GLY B 82 6.45 -8.91 -14.89
CA GLY B 82 5.20 -8.91 -14.16
C GLY B 82 4.19 -7.90 -14.70
N GLU B 83 4.54 -7.12 -15.73
CA GLU B 83 3.67 -6.09 -16.26
C GLU B 83 3.08 -6.42 -17.61
N GLU B 84 3.17 -7.68 -18.07
CA GLU B 84 2.65 -8.04 -19.40
C GLU B 84 1.16 -7.82 -19.57
N SER B 85 0.35 -7.86 -18.54
CA SER B 85 -1.07 -7.67 -18.72
C SER B 85 -1.55 -6.23 -18.49
N TRP B 86 -0.69 -5.19 -18.48
CA TRP B 86 -1.18 -3.89 -18.05
C TRP B 86 -2.11 -3.35 -19.11
N LEU B 87 -1.91 -3.71 -20.38
CA LEU B 87 -2.80 -3.13 -21.43
C LEU B 87 -4.21 -3.72 -21.41
N SER B 88 -4.41 -5.03 -21.30
CA SER B 88 -5.74 -5.61 -21.21
C SER B 88 -6.43 -5.24 -19.91
N THR B 89 -5.72 -5.01 -18.79
CA THR B 89 -6.47 -4.62 -17.60
C THR B 89 -6.98 -3.19 -17.78
N MET B 90 -6.22 -2.29 -18.42
CA MET B 90 -6.73 -0.97 -18.77
C MET B 90 -8.00 -1.16 -19.65
N CYS B 91 -8.00 -2.00 -20.68
CA CYS B 91 -9.24 -2.31 -21.40
C CYS B 91 -10.34 -2.81 -20.48
N GLN B 92 -9.99 -3.62 -19.46
CA GLN B 92 -11.03 -4.18 -18.58
C GLN B 92 -11.73 -3.21 -17.62
N ASN B 93 -11.04 -2.20 -17.08
CA ASN B 93 -11.71 -1.16 -16.29
C ASN B 93 -12.67 -0.31 -17.15
N MET B 94 -12.36 -0.05 -18.44
CA MET B 94 -13.21 0.72 -19.33
C MET B 94 -14.50 0.01 -19.59
N PHE B 95 -14.53 -1.30 -19.80
CA PHE B 95 -15.81 -1.99 -20.05
C PHE B 95 -16.81 -1.85 -18.88
N LYS B 96 -16.34 -1.50 -17.67
CA LYS B 96 -17.22 -1.33 -16.53
C LYS B 96 -17.87 0.04 -16.52
N VAL B 97 -17.38 0.98 -17.31
CA VAL B 97 -17.89 2.32 -17.27
C VAL B 97 -18.32 2.73 -18.66
N GLU B 98 -18.08 1.98 -19.74
CA GLU B 98 -18.52 2.42 -21.05
C GLU B 98 -18.45 1.25 -22.02
N SER B 99 -19.05 1.41 -23.19
CA SER B 99 -19.01 0.43 -24.25
C SER B 99 -17.92 0.91 -25.21
N VAL B 100 -16.93 0.10 -25.57
CA VAL B 100 -15.83 0.60 -26.37
C VAL B 100 -15.12 -0.54 -27.12
N ASN B 101 -14.44 -0.21 -28.23
CA ASN B 101 -13.62 -1.20 -28.92
C ASN B 101 -12.22 -0.90 -28.38
N CYS B 102 -11.59 -1.76 -27.60
CA CYS B 102 -10.29 -1.46 -27.01
C CYS B 102 -9.27 -2.28 -27.76
N ILE B 103 -8.32 -1.71 -28.49
CA ILE B 103 -7.38 -2.45 -29.33
C ILE B 103 -6.01 -2.28 -28.73
N CYS B 104 -5.40 -3.37 -28.29
CA CYS B 104 -4.07 -3.34 -27.72
C CYS B 104 -3.03 -3.52 -28.85
N VAL B 105 -2.01 -2.69 -28.92
CA VAL B 105 -1.11 -2.78 -30.04
C VAL B 105 0.16 -3.35 -29.47
N ASP B 106 0.38 -4.59 -29.86
CA ASP B 106 1.54 -5.36 -29.48
C ASP B 106 2.59 -5.18 -30.58
N TRP B 107 3.78 -4.67 -30.28
CA TRP B 107 4.85 -4.66 -31.24
C TRP B 107 6.07 -5.22 -30.54
N LYS B 108 5.99 -6.28 -29.70
CA LYS B 108 7.17 -6.72 -28.91
C LYS B 108 8.32 -7.23 -29.77
N SER B 109 8.05 -7.72 -30.98
CA SER B 109 9.12 -8.18 -31.86
C SER B 109 10.00 -7.00 -32.22
N GLY B 110 9.40 -5.86 -32.56
CA GLY B 110 10.17 -4.65 -32.89
C GLY B 110 10.69 -3.82 -31.69
N SER B 111 10.27 -3.98 -30.43
CA SER B 111 10.84 -3.25 -29.31
C SER B 111 11.92 -4.01 -28.61
N ARG B 112 11.96 -5.33 -28.65
CA ARG B 112 13.01 -6.03 -27.91
C ARG B 112 14.28 -6.11 -28.74
N THR B 113 14.96 -4.95 -28.76
CA THR B 113 16.21 -4.72 -29.48
C THR B 113 16.83 -3.54 -28.77
N ALA B 114 18.04 -3.21 -29.22
CA ALA B 114 18.75 -2.00 -28.88
C ALA B 114 17.85 -0.76 -28.95
N TYR B 115 17.99 0.14 -27.97
CA TYR B 115 17.11 1.28 -27.90
C TYR B 115 17.07 2.13 -29.19
N SER B 116 18.21 2.41 -29.82
CA SER B 116 18.28 3.19 -31.05
C SER B 116 17.46 2.56 -32.18
N GLN B 117 17.46 1.22 -32.28
CA GLN B 117 16.66 0.56 -33.28
C GLN B 117 15.18 0.53 -32.89
N ALA B 118 14.78 0.23 -31.64
CA ALA B 118 13.36 0.31 -31.24
C ALA B 118 12.80 1.74 -31.46
N SER B 119 13.61 2.79 -31.28
CA SER B 119 13.25 4.18 -31.51
C SER B 119 12.92 4.47 -32.98
N GLN B 120 13.70 3.92 -33.87
CA GLN B 120 13.36 3.97 -35.27
C GLN B 120 12.17 3.05 -35.54
N ASN B 121 11.93 1.92 -34.85
CA ASN B 121 10.80 1.07 -35.19
C ASN B 121 9.45 1.65 -34.80
N VAL B 122 9.38 2.72 -33.99
CA VAL B 122 8.08 3.36 -33.68
C VAL B 122 7.49 3.95 -34.95
N ARG B 123 8.33 4.24 -35.97
CA ARG B 123 7.90 4.78 -37.26
C ARG B 123 6.96 3.81 -37.99
N ILE B 124 7.32 2.53 -37.96
CA ILE B 124 6.56 1.45 -38.54
C ILE B 124 5.25 1.25 -37.75
N VAL B 125 5.28 1.23 -36.43
CA VAL B 125 4.11 1.05 -35.59
C VAL B 125 3.13 2.21 -35.81
N GLY B 126 3.61 3.44 -35.90
CA GLY B 126 2.75 4.56 -36.20
C GLY B 126 2.10 4.41 -37.55
N ALA B 127 2.85 3.96 -38.51
CA ALA B 127 2.35 3.75 -39.86
C ALA B 127 1.24 2.68 -39.93
N GLU B 128 1.34 1.63 -39.15
CA GLU B 128 0.37 0.55 -39.08
C GLU B 128 -0.94 0.99 -38.48
N VAL B 129 -0.94 1.71 -37.36
CA VAL B 129 -2.16 2.25 -36.75
C VAL B 129 -2.87 3.22 -37.71
N ALA B 130 -2.18 4.24 -38.28
CA ALA B 130 -2.77 5.19 -39.21
C ALA B 130 -3.31 4.41 -40.40
N TYR B 131 -2.64 3.35 -40.85
CA TYR B 131 -3.13 2.57 -41.95
C TYR B 131 -4.46 1.88 -41.59
N LEU B 132 -4.56 1.27 -40.41
CA LEU B 132 -5.80 0.65 -39.98
C LEU B 132 -6.85 1.75 -39.82
N VAL B 133 -6.57 2.98 -39.30
CA VAL B 133 -7.65 3.97 -39.10
C VAL B 133 -8.14 4.50 -40.47
N GLY B 134 -7.27 4.56 -41.48
CA GLY B 134 -7.68 4.90 -42.83
C GLY B 134 -8.63 3.83 -43.39
N VAL B 135 -8.38 2.55 -43.17
CA VAL B 135 -9.29 1.51 -43.62
C VAL B 135 -10.60 1.68 -42.87
N LEU B 136 -10.71 2.01 -41.56
CA LEU B 136 -12.03 2.13 -40.94
C LEU B 136 -12.81 3.31 -41.53
N GLN B 137 -12.08 4.37 -41.87
CA GLN B 137 -12.66 5.52 -42.52
C GLN B 137 -13.22 5.17 -43.90
N SER B 138 -12.44 4.58 -44.77
CA SER B 138 -12.85 4.20 -46.10
C SER B 138 -13.92 3.15 -46.18
N SER B 139 -13.83 2.08 -45.40
CA SER B 139 -14.72 0.98 -45.58
C SER B 139 -15.89 0.97 -44.69
N PHE B 140 -15.82 1.67 -43.56
CA PHE B 140 -16.90 1.59 -42.57
C PHE B 140 -17.52 2.95 -42.27
N ASP B 141 -17.06 4.00 -42.96
CA ASP B 141 -17.45 5.38 -42.68
C ASP B 141 -17.33 5.82 -41.23
N TYR B 142 -16.19 5.37 -40.66
CA TYR B 142 -15.89 5.62 -39.29
C TYR B 142 -14.94 6.81 -39.20
N SER B 143 -15.36 7.92 -38.65
CA SER B 143 -14.54 9.10 -38.48
C SER B 143 -13.29 8.94 -37.57
N PRO B 144 -12.09 9.44 -37.94
CA PRO B 144 -10.92 9.58 -37.04
C PRO B 144 -11.22 10.31 -35.74
N SER B 145 -12.19 11.22 -35.64
CA SER B 145 -12.60 11.82 -34.40
C SER B 145 -12.94 10.83 -33.30
N ASN B 146 -13.39 9.66 -33.74
CA ASN B 146 -13.79 8.57 -32.86
C ASN B 146 -12.64 7.74 -32.33
N VAL B 147 -11.42 8.07 -32.74
CA VAL B 147 -10.25 7.33 -32.29
C VAL B 147 -9.48 8.05 -31.17
N HIS B 148 -9.10 7.30 -30.14
CA HIS B 148 -8.27 7.78 -29.08
C HIS B 148 -7.06 6.86 -29.15
N ILE B 149 -5.84 7.37 -29.14
CA ILE B 149 -4.66 6.50 -29.06
C ILE B 149 -3.95 6.88 -27.77
N ILE B 150 -3.80 5.91 -26.87
CA ILE B 150 -3.05 6.04 -25.63
C ILE B 150 -1.67 5.39 -25.87
N GLY B 151 -0.53 6.05 -25.62
CA GLY B 151 0.76 5.42 -25.79
C GLY B 151 1.61 5.67 -24.55
N HIS B 152 2.43 4.75 -24.14
CA HIS B 152 3.25 4.82 -22.93
C HIS B 152 4.65 4.64 -23.43
N SER B 153 5.56 5.43 -22.84
CA SER B 153 6.99 5.36 -23.06
C SER B 153 7.34 5.61 -24.53
N LEU B 154 8.03 4.69 -25.18
CA LEU B 154 8.34 4.76 -26.59
C LEU B 154 7.03 4.69 -27.42
N GLY B 155 5.95 4.12 -26.86
CA GLY B 155 4.68 4.00 -27.56
C GLY B 155 4.01 5.34 -27.75
N SER B 156 4.32 6.33 -26.92
CA SER B 156 3.76 7.68 -27.05
C SER B 156 4.18 8.32 -28.38
N HIS B 157 5.39 8.08 -28.88
CA HIS B 157 5.83 8.70 -30.12
C HIS B 157 5.32 7.83 -31.27
N ALA B 158 4.97 6.56 -31.05
CA ALA B 158 4.32 5.74 -32.08
C ALA B 158 2.90 6.31 -32.26
N ALA B 159 2.19 6.70 -31.18
CA ALA B 159 0.89 7.38 -31.21
C ALA B 159 1.00 8.71 -31.95
N GLY B 160 2.03 9.50 -31.62
CA GLY B 160 2.38 10.74 -32.31
C GLY B 160 2.63 10.55 -33.80
N GLU B 161 3.41 9.56 -34.24
CA GLU B 161 3.58 9.23 -35.66
C GLU B 161 2.28 8.99 -36.42
N ALA B 162 1.37 8.21 -35.80
CA ALA B 162 0.08 7.82 -36.39
C ALA B 162 -0.86 8.99 -36.58
N GLY B 163 -0.84 9.90 -35.61
CA GLY B 163 -1.66 11.10 -35.72
C GLY B 163 -1.07 12.03 -36.77
N ARG B 164 0.26 12.25 -36.77
CA ARG B 164 0.89 13.00 -37.84
C ARG B 164 0.48 12.46 -39.21
N ARG B 165 0.51 11.13 -39.42
CA ARG B 165 0.11 10.49 -40.69
C ARG B 165 -1.36 10.64 -41.05
N THR B 166 -2.16 10.86 -40.02
CA THR B 166 -3.59 11.14 -40.18
C THR B 166 -3.84 12.63 -40.40
N ASN B 167 -2.82 13.45 -40.48
CA ASN B 167 -2.91 14.90 -40.52
C ASN B 167 -3.65 15.49 -39.32
N GLY B 168 -3.42 14.91 -38.14
CA GLY B 168 -3.99 15.42 -36.90
C GLY B 168 -5.49 15.22 -36.78
N ALA B 169 -6.09 14.40 -37.65
CA ALA B 169 -7.53 14.17 -37.62
C ALA B 169 -7.99 13.27 -36.48
N VAL B 170 -7.10 12.49 -35.85
CA VAL B 170 -7.45 11.63 -34.70
C VAL B 170 -7.95 12.53 -33.53
N GLY B 171 -9.03 12.10 -32.88
CA GLY B 171 -9.73 12.90 -31.89
C GLY B 171 -8.92 13.19 -30.65
N ARG B 172 -8.06 12.25 -30.19
CA ARG B 172 -7.28 12.37 -28.97
C ARG B 172 -6.09 11.40 -28.95
N ILE B 173 -4.97 11.85 -28.42
CA ILE B 173 -3.84 11.01 -28.18
C ILE B 173 -3.44 11.27 -26.71
N THR B 174 -3.23 10.27 -25.88
CA THR B 174 -2.71 10.48 -24.52
C THR B 174 -1.22 10.04 -24.46
N GLY B 175 -0.23 10.83 -24.03
CA GLY B 175 1.11 10.33 -23.91
C GLY B 175 1.34 9.94 -22.45
N LEU B 176 1.70 8.72 -22.04
CA LEU B 176 1.94 8.42 -20.64
C LEU B 176 3.45 8.28 -20.56
N ASP B 177 3.99 9.30 -19.91
CA ASP B 177 5.43 9.55 -19.73
C ASP B 177 6.26 9.19 -20.97
N PRO B 178 6.10 9.96 -22.05
CA PRO B 178 6.87 9.72 -23.27
C PRO B 178 8.40 9.72 -23.06
N ALA B 179 9.02 8.75 -23.71
CA ALA B 179 10.45 8.59 -23.63
C ALA B 179 11.23 9.81 -24.06
N GLU B 180 12.15 10.13 -23.15
CA GLU B 180 13.10 11.21 -23.38
C GLU B 180 14.18 10.83 -24.41
N PRO B 181 15.00 9.76 -24.23
CA PRO B 181 16.22 9.60 -25.03
C PRO B 181 15.82 9.37 -26.48
N CYS B 182 16.55 10.06 -27.36
CA CYS B 182 16.38 10.07 -28.82
C CYS B 182 15.11 10.81 -29.27
N PHE B 183 14.41 11.55 -28.39
CA PHE B 183 13.22 12.32 -28.80
C PHE B 183 13.10 13.72 -28.19
N GLN B 184 13.53 13.94 -26.94
CA GLN B 184 13.39 15.26 -26.31
C GLN B 184 14.21 16.24 -27.11
N GLY B 185 13.55 17.34 -27.44
CA GLY B 185 14.19 18.42 -28.15
C GLY B 185 14.38 18.16 -29.63
N THR B 186 13.80 17.11 -30.19
CA THR B 186 13.89 16.93 -31.63
C THR B 186 12.76 17.75 -32.29
N PRO B 187 12.74 18.01 -33.62
CA PRO B 187 11.60 18.66 -34.29
C PRO B 187 10.28 17.90 -34.10
N GLU B 188 9.15 18.57 -34.32
CA GLU B 188 7.80 18.03 -34.16
C GLU B 188 7.55 16.76 -34.95
N LEU B 189 8.29 16.68 -36.06
CA LEU B 189 8.24 15.63 -37.05
C LEU B 189 8.51 14.26 -36.45
N VAL B 190 9.43 14.27 -35.50
CA VAL B 190 9.97 13.07 -34.93
C VAL B 190 9.26 12.59 -33.70
N ARG B 191 8.62 13.50 -32.99
CA ARG B 191 8.03 13.18 -31.71
C ARG B 191 6.54 13.60 -31.58
N LEU B 192 6.02 13.19 -30.42
CA LEU B 192 4.69 13.52 -29.96
C LEU B 192 4.68 15.02 -29.61
N ASP B 193 3.66 15.72 -30.09
CA ASP B 193 3.53 17.15 -29.84
C ASP B 193 2.05 17.47 -30.07
N PRO B 194 1.49 18.65 -29.73
CA PRO B 194 0.04 18.92 -29.80
C PRO B 194 -0.61 18.76 -31.17
N SER B 195 0.18 19.03 -32.24
CA SER B 195 -0.33 18.98 -33.59
C SER B 195 -0.65 17.58 -34.09
N ASP B 196 -0.28 16.50 -33.36
CA ASP B 196 -0.54 15.15 -33.83
C ASP B 196 -1.99 14.73 -33.66
N ALA B 197 -2.81 15.44 -32.90
CA ALA B 197 -4.21 15.04 -32.80
C ALA B 197 -4.98 16.30 -32.48
N GLN B 198 -6.31 16.18 -32.50
CA GLN B 198 -7.20 17.27 -32.12
C GLN B 198 -7.02 17.59 -30.64
N PHE B 199 -6.73 16.63 -29.77
CA PHE B 199 -6.52 16.88 -28.35
C PHE B 199 -5.45 15.93 -27.86
N VAL B 200 -4.37 16.43 -27.26
CA VAL B 200 -3.27 15.62 -26.76
C VAL B 200 -3.14 15.93 -25.25
N ASP B 201 -3.12 14.96 -24.37
CA ASP B 201 -2.90 15.20 -22.96
C ASP B 201 -1.74 14.30 -22.59
N VAL B 202 -0.83 14.80 -21.74
CA VAL B 202 0.39 14.08 -21.40
C VAL B 202 0.49 14.01 -19.87
N ILE B 203 0.87 12.84 -19.35
CA ILE B 203 1.10 12.62 -17.93
C ILE B 203 2.61 12.44 -17.76
N HIS B 204 3.29 13.25 -16.94
CA HIS B 204 4.74 13.21 -16.73
C HIS B 204 5.10 12.55 -15.42
N THR B 205 5.78 11.40 -15.38
CA THR B 205 6.07 10.78 -14.10
C THR B 205 7.52 10.38 -13.87
N ASP B 206 8.43 10.60 -14.83
CA ASP B 206 9.84 10.25 -14.61
C ASP B 206 10.81 11.21 -15.36
N ILE B 207 10.53 12.46 -15.06
CA ILE B 207 11.07 13.63 -15.69
C ILE B 207 12.53 13.95 -15.43
N ALA B 208 13.25 13.31 -14.51
CA ALA B 208 14.64 13.71 -14.27
C ALA B 208 15.52 13.47 -15.50
N PRO B 209 16.68 14.11 -15.79
CA PRO B 209 17.58 13.78 -16.90
C PRO B 209 17.96 12.31 -17.03
N PHE B 210 17.89 11.73 -18.21
CA PHE B 210 18.21 10.33 -18.34
C PHE B 210 19.69 10.18 -17.98
N ILE B 211 20.53 11.14 -18.36
CA ILE B 211 21.93 11.11 -17.95
C ILE B 211 22.17 12.30 -17.03
N PRO B 212 22.57 12.11 -15.76
CA PRO B 212 22.90 10.83 -15.13
C PRO B 212 21.80 10.19 -14.25
N ASN B 213 20.65 10.85 -14.14
CA ASN B 213 19.63 10.46 -13.20
C ASN B 213 18.79 9.25 -13.55
N LEU B 214 18.86 8.75 -14.77
CA LEU B 214 18.08 7.61 -15.26
C LEU B 214 16.56 7.79 -15.24
N GLY B 215 16.06 9.02 -15.38
CA GLY B 215 14.64 9.31 -15.55
C GLY B 215 14.31 9.09 -17.04
N PHE B 216 13.47 8.10 -17.40
CA PHE B 216 13.12 7.80 -18.78
C PHE B 216 12.14 8.74 -19.47
N GLY B 217 11.44 9.62 -18.75
CA GLY B 217 10.39 10.39 -19.38
C GLY B 217 10.85 11.80 -19.74
N MET B 218 10.14 12.45 -20.67
CA MET B 218 10.36 13.85 -21.09
C MET B 218 10.05 14.93 -20.07
N SER B 219 10.96 15.88 -19.82
CA SER B 219 10.61 17.01 -18.99
C SER B 219 9.90 18.02 -19.87
N GLN B 220 10.25 18.09 -21.17
CA GLN B 220 9.61 18.94 -22.16
C GLN B 220 8.10 18.74 -22.33
N THR B 221 7.27 19.78 -22.45
CA THR B 221 5.82 19.62 -22.60
C THR B 221 5.49 19.12 -24.00
N ALA B 222 4.47 18.24 -24.19
CA ALA B 222 4.12 17.76 -25.51
C ALA B 222 2.63 17.77 -25.76
N GLY B 223 1.77 18.35 -24.91
CA GLY B 223 0.33 18.25 -25.09
C GLY B 223 -0.35 19.59 -24.98
N HIS B 224 -1.66 19.64 -25.14
CA HIS B 224 -2.41 20.87 -24.91
C HIS B 224 -2.39 21.00 -23.39
N LEU B 225 -2.57 19.88 -22.67
CA LEU B 225 -2.56 19.77 -21.23
C LEU B 225 -1.36 18.94 -20.81
N ASP B 226 -0.60 19.43 -19.87
CA ASP B 226 0.50 18.66 -19.39
C ASP B 226 0.37 18.54 -17.85
N PHE B 227 0.23 17.32 -17.39
CA PHE B 227 0.12 17.02 -15.99
C PHE B 227 1.45 16.55 -15.37
N PHE B 228 1.81 17.08 -14.21
CA PHE B 228 3.00 16.64 -13.49
C PHE B 228 2.57 16.16 -12.07
N PRO B 229 1.86 15.02 -11.94
CA PRO B 229 1.44 14.48 -10.63
C PRO B 229 2.66 14.31 -9.72
N ASN B 230 2.55 14.72 -8.45
CA ASN B 230 3.65 14.65 -7.47
C ASN B 230 4.90 15.38 -7.93
N GLY B 231 4.77 16.30 -8.90
CA GLY B 231 5.95 17.00 -9.39
C GLY B 231 6.55 16.35 -10.65
N GLY B 232 6.17 15.12 -11.01
CA GLY B 232 6.60 14.48 -12.23
C GLY B 232 7.98 13.86 -12.15
N LYS B 233 8.76 14.03 -11.10
CA LYS B 233 10.14 13.58 -11.02
C LYS B 233 10.26 12.33 -10.16
N GLU B 234 9.58 12.25 -9.02
CA GLU B 234 9.71 11.16 -8.09
C GLU B 234 8.34 10.77 -7.55
N MET B 235 7.82 9.59 -7.87
CA MET B 235 6.46 9.29 -7.50
C MET B 235 6.46 8.63 -6.14
N PRO B 236 5.57 8.94 -5.22
CA PRO B 236 5.47 8.26 -3.92
C PRO B 236 5.27 6.77 -4.09
N GLY B 237 6.05 6.09 -3.26
CA GLY B 237 6.03 4.64 -3.23
C GLY B 237 7.02 4.06 -4.23
N CYS B 238 7.73 4.88 -5.01
CA CYS B 238 8.62 4.35 -6.00
C CYS B 238 10.00 4.38 -5.44
N GLN B 239 10.87 3.54 -5.97
CA GLN B 239 12.22 3.41 -5.48
C GLN B 239 13.01 4.33 -6.41
N LYS B 240 14.11 4.93 -5.94
CA LYS B 240 14.86 5.88 -6.73
C LYS B 240 16.04 5.20 -7.44
N ASN B 241 16.41 5.68 -8.61
CA ASN B 241 17.50 5.09 -9.34
C ASN B 241 18.83 5.64 -8.86
N VAL B 242 19.91 4.84 -8.66
CA VAL B 242 21.22 5.45 -8.35
C VAL B 242 21.73 6.02 -9.66
N LEU B 243 22.08 7.29 -9.63
CA LEU B 243 22.52 7.97 -10.83
C LEU B 243 23.81 7.35 -11.30
N SER B 244 24.08 7.28 -12.58
CA SER B 244 25.32 6.67 -13.05
C SER B 244 25.77 7.65 -14.12
N GLN B 245 27.02 8.13 -14.06
CA GLN B 245 27.45 9.07 -15.09
C GLN B 245 27.63 8.33 -16.42
N ILE B 246 27.95 7.03 -16.36
CA ILE B 246 28.01 6.19 -17.53
C ILE B 246 26.69 5.42 -17.49
N VAL B 247 26.03 5.13 -18.60
CA VAL B 247 24.80 4.33 -18.58
C VAL B 247 24.65 3.45 -19.83
N ASP B 248 24.36 2.16 -19.66
CA ASP B 248 24.13 1.27 -20.79
C ASP B 248 22.63 1.27 -21.07
N ILE B 249 22.26 2.12 -21.99
CA ILE B 249 20.88 2.33 -22.41
C ILE B 249 20.28 1.04 -23.00
N ASP B 250 21.02 0.25 -23.78
CA ASP B 250 20.45 -0.94 -24.38
C ASP B 250 20.24 -2.01 -23.36
N GLY B 251 21.17 -2.06 -22.40
CA GLY B 251 21.08 -3.00 -21.32
C GLY B 251 19.86 -2.71 -20.49
N ILE B 252 19.71 -1.45 -20.08
CA ILE B 252 18.48 -1.05 -19.39
C ILE B 252 17.24 -1.34 -20.25
N TRP B 253 17.10 -0.90 -21.50
CA TRP B 253 15.93 -1.16 -22.32
C TRP B 253 15.59 -2.65 -22.49
N GLN B 254 16.67 -3.43 -22.66
CA GLN B 254 16.52 -4.86 -22.87
C GLN B 254 16.45 -5.68 -21.61
N GLY B 255 16.61 -5.01 -20.48
CA GLY B 255 16.38 -5.60 -19.18
C GLY B 255 17.49 -6.52 -18.74
N THR B 256 18.70 -6.13 -19.08
CA THR B 256 19.82 -6.90 -18.62
C THR B 256 20.62 -6.05 -17.67
N ARG B 257 20.39 -4.74 -17.61
CA ARG B 257 21.04 -3.92 -16.60
C ARG B 257 19.92 -3.56 -15.61
N ASP B 258 20.30 -3.27 -14.37
CA ASP B 258 19.43 -2.87 -13.28
C ASP B 258 18.81 -1.51 -13.58
N PHE B 259 17.49 -1.42 -13.40
CA PHE B 259 16.77 -0.18 -13.57
C PHE B 259 15.54 -0.18 -12.70
N ALA B 260 15.25 0.85 -11.89
CA ALA B 260 14.02 0.85 -11.12
C ALA B 260 13.08 1.59 -12.04
N ALA B 261 12.13 0.89 -12.67
CA ALA B 261 11.15 1.39 -13.63
C ALA B 261 9.86 1.92 -12.99
N CYS B 262 9.69 1.81 -11.67
CA CYS B 262 8.51 2.27 -10.99
C CYS B 262 7.99 3.65 -11.38
N ASN B 263 8.85 4.68 -11.41
CA ASN B 263 8.42 6.01 -11.80
C ASN B 263 7.80 6.05 -13.21
N HIS B 264 8.50 5.42 -14.16
CA HIS B 264 8.10 5.34 -15.54
C HIS B 264 6.78 4.65 -15.70
N LEU B 265 6.55 3.60 -14.93
CA LEU B 265 5.28 2.88 -15.07
C LEU B 265 4.07 3.52 -14.38
N ARG B 266 4.32 4.34 -13.35
CA ARG B 266 3.24 5.01 -12.65
C ARG B 266 2.28 5.74 -13.59
N SER B 267 2.72 6.28 -14.74
CA SER B 267 1.86 7.02 -15.68
C SER B 267 0.71 6.17 -16.15
N TYR B 268 0.91 4.93 -16.60
CA TYR B 268 -0.29 4.14 -16.96
C TYR B 268 -1.06 3.60 -15.75
N LYS B 269 -0.42 3.49 -14.57
CA LYS B 269 -1.13 2.99 -13.40
C LYS B 269 -2.11 4.02 -12.87
N TYR B 270 -1.73 5.30 -12.94
CA TYR B 270 -2.58 6.39 -12.54
C TYR B 270 -3.72 6.40 -13.54
N TYR B 271 -3.39 6.32 -14.84
CA TYR B 271 -4.45 6.29 -15.86
C TYR B 271 -5.40 5.12 -15.58
N THR B 272 -5.02 3.89 -15.30
CA THR B 272 -5.95 2.78 -15.03
C THR B 272 -6.88 3.09 -13.89
N ASP B 273 -6.37 3.71 -12.82
CA ASP B 273 -7.26 4.03 -11.73
C ASP B 273 -8.14 5.20 -12.06
N SER B 274 -7.80 6.13 -12.98
CA SER B 274 -8.70 7.24 -13.24
C SER B 274 -9.98 6.84 -13.89
N ILE B 275 -9.97 5.74 -14.63
CA ILE B 275 -11.17 5.21 -15.30
C ILE B 275 -12.34 4.98 -14.35
N LEU B 276 -12.02 4.42 -13.17
CA LEU B 276 -13.02 4.10 -12.18
C LEU B 276 -13.17 5.19 -11.13
N ASN B 277 -12.47 6.33 -11.22
CA ASN B 277 -12.57 7.33 -10.16
C ASN B 277 -12.70 8.71 -10.81
N PRO B 278 -13.90 9.03 -11.37
CA PRO B 278 -14.13 10.18 -12.24
C PRO B 278 -13.72 11.53 -11.68
N ASP B 279 -13.51 11.71 -10.37
CA ASP B 279 -13.09 12.99 -9.87
C ASP B 279 -11.95 12.88 -8.91
N GLY B 280 -11.28 11.73 -8.91
CA GLY B 280 -10.19 11.51 -7.98
C GLY B 280 -8.83 12.01 -8.44
N PHE B 281 -8.68 12.72 -9.57
CA PHE B 281 -7.40 13.20 -10.04
C PHE B 281 -7.55 14.61 -10.53
N ALA B 282 -8.11 15.52 -9.72
CA ALA B 282 -8.29 16.91 -10.13
C ALA B 282 -6.95 17.62 -10.40
N GLY B 283 -6.72 18.21 -11.58
CA GLY B 283 -5.48 18.92 -11.86
C GLY B 283 -5.58 20.42 -11.53
N PHE B 284 -4.60 21.06 -10.85
CA PHE B 284 -4.69 22.50 -10.46
C PHE B 284 -3.82 23.39 -11.33
N SER B 285 -4.28 24.50 -11.97
CA SER B 285 -3.39 25.38 -12.73
C SER B 285 -2.34 25.90 -11.76
N CYS B 286 -1.06 25.93 -12.08
CA CYS B 286 -0.08 26.43 -11.16
C CYS B 286 1.19 26.66 -11.95
N ALA B 287 1.94 27.70 -11.62
CA ALA B 287 3.14 28.00 -12.38
C ALA B 287 4.22 26.94 -12.12
N SER B 288 4.18 26.26 -10.95
CA SER B 288 5.16 25.25 -10.62
C SER B 288 4.69 24.40 -9.45
N TYR B 289 5.38 23.29 -9.21
CA TYR B 289 5.06 22.40 -8.13
C TYR B 289 5.47 23.01 -6.80
N SER B 290 6.54 23.80 -6.70
CA SER B 290 6.84 24.35 -5.38
C SER B 290 5.76 25.34 -5.03
N ASP B 291 5.17 26.04 -6.00
CA ASP B 291 4.05 26.90 -5.71
C ASP B 291 2.87 26.07 -5.19
N PHE B 292 2.65 24.89 -5.75
CA PHE B 292 1.49 24.08 -5.38
C PHE B 292 1.66 23.51 -3.97
N THR B 293 2.88 23.03 -3.63
CA THR B 293 3.20 22.50 -2.31
C THR B 293 3.30 23.61 -1.27
N ALA B 294 3.60 24.85 -1.72
CA ALA B 294 3.54 25.98 -0.83
C ALA B 294 2.10 26.46 -0.72
N ASN B 295 1.13 25.68 -1.17
CA ASN B 295 -0.29 25.98 -1.02
C ASN B 295 -0.74 27.28 -1.66
N LYS B 296 -0.20 27.61 -2.84
CA LYS B 296 -0.64 28.80 -3.55
C LYS B 296 -1.57 28.50 -4.72
N CYS B 297 -2.05 27.30 -5.01
CA CYS B 297 -2.80 27.10 -6.24
C CYS B 297 -4.10 26.39 -6.01
N PHE B 298 -4.78 26.70 -4.93
CA PHE B 298 -6.04 26.05 -4.58
C PHE B 298 -7.09 27.14 -4.41
N PRO B 299 -8.41 26.98 -4.70
CA PRO B 299 -9.05 25.82 -5.28
C PRO B 299 -8.92 25.75 -6.80
N CYS B 300 -9.73 24.93 -7.48
CA CYS B 300 -9.73 24.81 -8.92
C CYS B 300 -10.09 26.15 -9.52
N SER B 301 -9.58 26.42 -10.70
CA SER B 301 -9.90 27.61 -11.47
C SER B 301 -11.42 27.58 -11.68
N SER B 302 -12.02 28.72 -11.97
CA SER B 302 -13.46 28.88 -11.95
C SER B 302 -14.28 27.83 -12.68
N GLU B 303 -13.97 27.61 -13.96
CA GLU B 303 -14.58 26.60 -14.81
C GLU B 303 -14.37 25.15 -14.40
N GLY B 304 -13.60 24.86 -13.36
CA GLY B 304 -13.38 23.46 -12.96
C GLY B 304 -11.96 23.02 -13.25
N CYS B 305 -11.51 21.97 -12.52
CA CYS B 305 -10.17 21.40 -12.73
C CYS B 305 -10.33 20.36 -13.83
N PRO B 306 -9.37 20.15 -14.76
CA PRO B 306 -9.25 18.95 -15.58
C PRO B 306 -9.02 17.67 -14.77
N GLN B 307 -9.62 16.54 -15.09
CA GLN B 307 -9.22 15.31 -14.44
C GLN B 307 -8.02 14.79 -15.23
N MET B 308 -6.94 14.44 -14.52
CA MET B 308 -5.82 13.77 -15.15
C MET B 308 -6.25 12.35 -15.53
N GLY B 309 -5.91 11.87 -16.72
CA GLY B 309 -6.30 10.53 -17.07
C GLY B 309 -7.44 10.49 -18.05
N HIS B 310 -8.21 9.43 -17.85
CA HIS B 310 -9.31 9.07 -18.71
C HIS B 310 -10.31 10.17 -18.97
N TYR B 311 -10.72 11.01 -18.00
CA TYR B 311 -11.78 12.02 -18.20
C TYR B 311 -11.26 13.39 -18.55
N ALA B 312 -9.98 13.49 -18.99
CA ALA B 312 -9.38 14.78 -19.30
C ALA B 312 -10.10 15.41 -20.48
N ASP B 313 -10.71 14.63 -21.36
CA ASP B 313 -11.47 15.20 -22.47
C ASP B 313 -12.76 15.94 -22.06
N ARG B 314 -13.12 16.03 -20.78
CA ARG B 314 -14.33 16.72 -20.33
C ARG B 314 -14.09 18.15 -19.93
N PHE B 315 -12.83 18.57 -19.88
CA PHE B 315 -12.44 19.90 -19.45
C PHE B 315 -12.88 20.87 -20.55
N PRO B 316 -13.64 21.94 -20.28
CA PRO B 316 -13.89 23.04 -21.21
C PRO B 316 -12.58 23.75 -21.52
N GLY B 317 -12.32 24.12 -22.75
CA GLY B 317 -11.07 24.84 -23.01
C GLY B 317 -9.80 23.99 -22.92
N ARG B 318 -9.90 22.68 -23.14
CA ARG B 318 -8.75 21.80 -23.09
C ARG B 318 -7.76 22.11 -24.21
N THR B 319 -8.25 22.71 -25.30
CA THR B 319 -7.37 23.07 -26.39
C THR B 319 -7.27 24.59 -26.44
N LYS B 320 -7.51 25.38 -25.39
CA LYS B 320 -7.30 26.83 -25.49
C LYS B 320 -5.87 27.27 -25.61
N GLY B 321 -4.89 26.43 -25.31
CA GLY B 321 -3.49 26.74 -25.44
C GLY B 321 -2.74 25.42 -25.47
N VAL B 322 -1.43 25.41 -25.70
CA VAL B 322 -0.66 24.18 -25.66
C VAL B 322 0.31 24.36 -24.47
N GLY B 323 0.67 23.28 -23.79
CA GLY B 323 1.60 23.36 -22.66
C GLY B 323 0.93 23.89 -21.40
N GLN B 324 -0.37 23.70 -21.19
CA GLN B 324 -1.03 24.21 -19.98
C GLN B 324 -0.59 23.31 -18.85
N LEU B 325 0.03 23.91 -17.83
CA LEU B 325 0.58 23.25 -16.67
C LEU B 325 -0.43 22.93 -15.56
N PHE B 326 -0.53 21.67 -15.15
CA PHE B 326 -1.39 21.25 -14.06
C PHE B 326 -0.59 20.34 -13.11
N TYR B 327 -0.84 20.54 -11.84
CA TYR B 327 -0.17 19.85 -10.76
C TYR B 327 -1.23 19.23 -9.85
N LEU B 328 -0.92 18.15 -9.15
CA LEU B 328 -1.82 17.47 -8.24
C LEU B 328 -0.92 16.46 -7.55
N ASN B 329 -1.41 15.82 -6.49
CA ASN B 329 -0.68 14.73 -5.84
C ASN B 329 -1.51 13.47 -5.89
N THR B 330 -0.85 12.31 -5.86
CA THR B 330 -1.57 11.07 -5.94
C THR B 330 -1.23 10.27 -4.70
N GLY B 331 -1.88 9.11 -4.52
CA GLY B 331 -1.54 8.19 -3.45
C GLY B 331 -0.28 7.46 -3.79
N ASP B 332 0.21 6.73 -2.81
CA ASP B 332 1.43 5.99 -2.96
C ASP B 332 1.19 4.56 -3.40
N ALA B 333 -0.06 4.15 -3.53
CA ALA B 333 -0.41 2.77 -3.80
C ALA B 333 -1.81 2.81 -4.36
N SER B 334 -2.22 1.75 -5.02
CA SER B 334 -3.50 1.80 -5.62
C SER B 334 -4.69 1.91 -4.67
N ASN B 335 -5.95 2.13 -4.75
CA ASN B 335 -6.38 3.40 -5.29
C ASN B 335 -5.57 4.65 -5.00
N PHE B 336 -5.07 5.28 -6.08
CA PHE B 336 -4.15 6.39 -6.16
C PHE B 336 -4.88 7.69 -6.10
N ALA B 337 -6.18 7.65 -6.36
CA ALA B 337 -7.07 8.80 -6.28
C ALA B 337 -7.04 9.51 -4.91
N ARG B 338 -7.03 10.86 -4.95
CA ARG B 338 -6.95 11.71 -3.76
C ARG B 338 -7.78 12.94 -4.07
N TRP B 339 -8.39 13.50 -3.01
CA TRP B 339 -9.26 14.67 -3.10
C TRP B 339 -8.61 15.77 -2.23
N ARG B 340 -8.20 16.96 -2.73
CA ARG B 340 -7.49 17.94 -1.92
C ARG B 340 -8.46 18.87 -1.21
N TYR B 341 -8.23 19.17 0.07
CA TYR B 341 -9.06 20.12 0.82
C TYR B 341 -8.11 21.09 1.52
N ARG B 342 -8.68 22.28 1.77
CA ARG B 342 -7.97 23.31 2.50
C ARG B 342 -8.65 23.48 3.87
N VAL B 343 -7.88 23.58 4.94
CA VAL B 343 -8.41 23.77 6.29
C VAL B 343 -7.66 24.89 7.00
N ASP B 344 -8.48 25.81 7.50
CA ASP B 344 -8.05 26.98 8.28
C ASP B 344 -8.62 26.84 9.69
N VAL B 345 -7.72 26.72 10.65
CA VAL B 345 -7.99 26.46 12.06
C VAL B 345 -7.65 27.70 12.89
N THR B 346 -8.58 28.35 13.58
CA THR B 346 -8.18 29.40 14.52
C THR B 346 -8.15 28.88 15.95
N LEU B 347 -6.98 28.91 16.54
CA LEU B 347 -6.84 28.35 17.86
C LEU B 347 -7.43 29.19 19.00
N SER B 348 -7.54 28.54 20.14
CA SER B 348 -7.98 29.14 21.36
C SER B 348 -7.27 28.45 22.51
N GLY B 349 -7.51 28.96 23.70
CA GLY B 349 -6.95 28.35 24.87
C GLY B 349 -5.57 28.89 25.08
N LYS B 350 -4.80 27.98 25.65
CA LYS B 350 -3.49 28.22 26.20
C LYS B 350 -2.43 27.97 25.16
N LYS B 351 -1.31 28.66 25.25
CA LYS B 351 -0.28 28.56 24.24
C LYS B 351 0.66 27.41 24.56
N VAL B 352 1.12 26.60 23.63
CA VAL B 352 1.98 25.47 23.97
C VAL B 352 2.69 24.99 22.72
N THR B 353 3.74 24.18 22.73
CA THR B 353 4.39 23.67 21.54
C THR B 353 3.90 22.24 21.29
N GLY B 354 3.21 22.00 20.16
CA GLY B 354 2.66 20.68 19.85
C GLY B 354 2.15 20.52 18.42
N HIS B 355 1.20 19.63 18.21
CA HIS B 355 0.70 19.32 16.87
C HIS B 355 -0.80 19.45 16.88
N VAL B 356 -1.46 19.86 15.81
CA VAL B 356 -2.91 19.88 15.73
C VAL B 356 -3.31 19.04 14.51
N LEU B 357 -4.38 18.25 14.70
CA LEU B 357 -4.84 17.30 13.69
C LEU B 357 -6.31 17.56 13.47
N VAL B 358 -6.88 17.26 12.31
CA VAL B 358 -8.30 17.51 12.04
C VAL B 358 -8.94 16.39 11.24
N SER B 359 -10.23 16.04 11.32
CA SER B 359 -10.83 15.06 10.40
C SER B 359 -12.21 15.54 9.98
N LEU B 360 -12.54 15.22 8.76
CA LEU B 360 -13.73 15.73 8.10
C LEU B 360 -14.80 14.67 8.14
N PHE B 361 -16.03 15.04 8.49
CA PHE B 361 -17.14 14.11 8.55
C PHE B 361 -18.14 14.62 7.55
N GLY B 362 -18.67 13.81 6.64
CA GLY B 362 -19.57 14.31 5.64
C GLY B 362 -20.60 13.27 5.31
N ASN B 363 -21.61 13.69 4.56
CA ASN B 363 -22.65 12.78 4.16
C ASN B 363 -22.13 11.64 3.31
N LYS B 364 -21.02 11.64 2.59
CA LYS B 364 -20.59 10.43 1.91
C LYS B 364 -19.60 9.61 2.74
N GLY B 365 -19.14 10.02 3.92
CA GLY B 365 -18.15 9.25 4.63
C GLY B 365 -17.35 10.19 5.51
N ASN B 366 -16.24 9.71 6.05
CA ASN B 366 -15.40 10.45 7.00
C ASN B 366 -13.93 10.27 6.61
N SER B 367 -13.01 11.25 6.80
CA SER B 367 -11.58 11.13 6.39
C SER B 367 -10.69 10.60 7.48
N ARG B 368 -9.43 10.23 7.26
CA ARG B 368 -8.44 9.94 8.32
C ARG B 368 -8.19 11.26 9.08
N GLN B 369 -7.29 11.33 10.05
CA GLN B 369 -6.96 12.57 10.74
C GLN B 369 -5.74 13.10 10.06
N TYR B 370 -5.69 14.37 9.61
CA TYR B 370 -4.49 14.93 9.00
C TYR B 370 -3.94 16.07 9.88
N GLU B 371 -2.60 16.19 10.01
CA GLU B 371 -1.92 17.21 10.76
C GLU B 371 -2.00 18.59 10.09
N ILE B 372 -2.32 19.68 10.76
CA ILE B 372 -2.46 20.98 10.11
C ILE B 372 -1.21 21.77 10.36
N PHE B 373 -0.61 21.66 11.57
CA PHE B 373 0.56 22.41 11.96
C PHE B 373 1.22 21.74 13.15
N GLN B 374 2.55 21.63 13.17
CA GLN B 374 3.26 21.21 14.38
C GLN B 374 4.22 22.37 14.71
N GLY B 375 4.33 22.81 15.96
CA GLY B 375 5.16 23.95 16.36
C GLY B 375 4.54 24.67 17.55
N THR B 376 4.77 25.98 17.71
CA THR B 376 4.16 26.74 18.79
C THR B 376 2.71 27.06 18.45
N LEU B 377 1.83 26.53 19.26
CA LEU B 377 0.43 26.76 19.08
C LEU B 377 0.20 27.99 19.95
N LYS B 378 -0.04 29.11 19.28
CA LYS B 378 -0.35 30.37 19.93
C LYS B 378 -1.83 30.60 19.69
N PRO B 379 -2.62 30.90 20.70
CA PRO B 379 -4.04 31.14 20.56
C PRO B 379 -4.28 32.41 19.78
N ASP B 380 -5.52 32.55 19.30
CA ASP B 380 -5.99 33.62 18.44
C ASP B 380 -5.52 33.41 16.99
N ASN B 381 -4.27 32.99 16.75
CA ASN B 381 -3.76 32.70 15.42
C ASN B 381 -4.51 31.64 14.64
N THR B 382 -4.38 31.81 13.34
CA THR B 382 -5.00 30.91 12.40
C THR B 382 -3.94 30.17 11.59
N TYR B 383 -4.14 28.86 11.51
CA TYR B 383 -3.22 28.00 10.84
C TYR B 383 -3.95 27.37 9.66
N SER B 384 -3.30 27.34 8.48
CA SER B 384 -3.80 26.71 7.25
C SER B 384 -2.82 25.73 6.64
N ASN B 385 -3.39 24.72 5.99
CA ASN B 385 -2.63 23.74 5.25
C ASN B 385 -3.60 23.05 4.30
N GLU B 386 -3.13 22.37 3.26
CA GLU B 386 -3.98 21.68 2.29
C GLU B 386 -3.50 20.27 2.38
N PHE B 387 -4.39 19.31 2.26
CA PHE B 387 -3.99 17.92 2.33
C PHE B 387 -4.83 17.18 1.32
N ASP B 388 -4.26 16.04 0.94
CA ASP B 388 -4.84 15.16 -0.05
C ASP B 388 -5.53 14.00 0.67
N SER B 389 -6.82 14.06 0.85
CA SER B 389 -7.53 13.00 1.53
C SER B 389 -7.69 11.73 0.67
N ASP B 390 -7.56 10.54 1.25
CA ASP B 390 -7.87 9.34 0.47
C ASP B 390 -9.36 9.04 0.49
N VAL B 391 -10.22 9.89 1.07
CA VAL B 391 -11.67 9.67 1.03
C VAL B 391 -12.30 10.97 0.55
N GLU B 392 -13.28 10.95 -0.32
CA GLU B 392 -14.03 12.15 -0.63
C GLU B 392 -15.26 12.20 0.30
N VAL B 393 -15.34 13.10 1.28
CA VAL B 393 -16.45 13.02 2.24
C VAL B 393 -17.82 13.54 1.76
N GLY B 394 -17.95 14.21 0.63
CA GLY B 394 -19.21 14.81 0.23
C GLY B 394 -19.39 16.20 0.88
N ASP B 395 -20.62 16.40 1.34
CA ASP B 395 -21.05 17.62 2.00
C ASP B 395 -20.68 17.48 3.45
N LEU B 396 -19.97 18.48 3.95
CA LEU B 396 -19.48 18.34 5.30
C LEU B 396 -20.55 18.53 6.33
N GLU B 397 -20.54 17.66 7.33
CA GLU B 397 -21.49 17.74 8.41
C GLU B 397 -20.79 18.22 9.66
N LYS B 398 -19.55 17.80 9.93
CA LYS B 398 -18.85 18.30 11.10
C LYS B 398 -17.39 18.04 10.92
N VAL B 399 -16.58 18.60 11.80
CA VAL B 399 -15.13 18.40 11.80
C VAL B 399 -14.74 18.11 13.24
N LYS B 400 -13.67 17.35 13.44
CA LYS B 400 -13.18 17.02 14.75
C LYS B 400 -11.70 17.38 14.82
N PHE B 401 -11.34 17.87 15.99
CA PHE B 401 -10.06 18.48 16.23
C PHE B 401 -9.35 17.72 17.34
N ILE B 402 -8.03 17.53 17.30
CA ILE B 402 -7.33 16.94 18.44
C ILE B 402 -5.90 17.47 18.46
N TRP B 403 -5.23 17.59 19.60
CA TRP B 403 -3.89 18.14 19.63
C TRP B 403 -3.03 17.27 20.54
N TYR B 404 -1.71 17.33 20.40
CA TYR B 404 -0.77 16.55 21.18
C TYR B 404 0.34 17.50 21.58
N ASN B 405 0.76 17.41 22.85
CA ASN B 405 1.81 18.29 23.36
C ASN B 405 3.11 17.56 23.12
N ASN B 406 4.02 18.42 22.71
CA ASN B 406 5.34 17.94 22.43
C ASN B 406 6.11 17.58 23.67
N VAL B 407 5.74 18.13 24.83
CA VAL B 407 6.44 17.88 26.06
C VAL B 407 5.57 17.13 27.04
N ILE B 408 6.35 16.57 27.95
CA ILE B 408 5.89 15.62 28.95
C ILE B 408 5.12 16.24 30.10
N ASN B 409 5.12 17.56 30.24
CA ASN B 409 4.42 18.18 31.37
C ASN B 409 3.86 19.50 30.85
N LEU B 410 3.61 20.51 31.71
CA LEU B 410 2.97 21.84 31.50
C LEU B 410 1.75 21.67 32.39
N THR B 411 1.26 20.43 32.24
CA THR B 411 0.31 19.79 33.10
C THR B 411 -1.08 20.46 33.10
N LEU B 412 -1.78 19.69 32.28
CA LEU B 412 -3.16 19.91 31.92
C LEU B 412 -3.55 21.29 31.31
N PRO B 413 -2.80 21.89 30.35
CA PRO B 413 -3.31 22.97 29.50
C PRO B 413 -4.38 22.49 28.53
N LYS B 414 -5.33 23.37 28.24
CA LYS B 414 -6.41 23.07 27.33
C LYS B 414 -6.30 23.98 26.12
N VAL B 415 -6.42 23.46 24.89
CA VAL B 415 -6.34 24.21 23.64
C VAL B 415 -7.66 23.88 22.94
N GLY B 416 -8.12 24.80 22.11
CA GLY B 416 -9.34 24.59 21.35
C GLY B 416 -9.11 25.20 19.98
N ALA B 417 -10.14 25.26 19.18
CA ALA B 417 -10.13 25.94 17.92
C ALA B 417 -11.50 26.62 17.99
N SER B 418 -11.55 27.94 17.80
CA SER B 418 -12.80 28.68 17.78
C SER B 418 -13.55 28.46 16.49
N LYS B 419 -12.86 28.43 15.36
CA LYS B 419 -13.49 28.25 14.05
C LYS B 419 -12.51 27.43 13.23
N ILE B 420 -13.06 26.57 12.39
CA ILE B 420 -12.31 25.81 11.39
C ILE B 420 -13.19 26.05 10.18
N THR B 421 -12.54 26.38 9.07
CA THR B 421 -13.20 26.59 7.79
C THR B 421 -12.53 25.57 6.86
N VAL B 422 -13.34 24.83 6.11
CA VAL B 422 -12.84 23.85 5.17
C VAL B 422 -13.31 24.29 3.81
N GLU B 423 -12.34 24.41 2.95
CA GLU B 423 -12.63 24.73 1.58
C GLU B 423 -12.40 23.49 0.72
N ARG B 424 -13.46 23.21 -0.03
CA ARG B 424 -13.46 22.20 -1.07
C ARG B 424 -12.80 22.61 -2.40
N ASN B 425 -12.27 21.71 -3.29
CA ASN B 425 -11.61 22.11 -4.52
C ASN B 425 -12.51 22.76 -5.57
N ASP B 426 -13.84 22.69 -5.42
CA ASP B 426 -14.71 23.50 -6.26
C ASP B 426 -14.90 24.89 -5.66
N GLY B 427 -14.28 25.22 -4.53
CA GLY B 427 -14.37 26.54 -3.91
C GLY B 427 -15.47 26.70 -2.86
N SER B 428 -16.36 25.75 -2.59
CA SER B 428 -17.38 25.90 -1.56
C SER B 428 -16.69 25.85 -0.21
N VAL B 429 -17.22 26.66 0.71
CA VAL B 429 -16.67 26.86 2.05
C VAL B 429 -17.68 26.42 3.12
N PHE B 430 -17.15 25.83 4.19
CA PHE B 430 -17.94 25.32 5.31
C PHE B 430 -17.21 25.78 6.58
N ASN B 431 -17.97 26.37 7.54
CA ASN B 431 -17.44 26.98 8.77
C ASN B 431 -17.98 26.23 9.95
N PHE B 432 -17.11 26.02 10.91
CA PHE B 432 -17.53 25.23 12.06
C PHE B 432 -16.94 25.96 13.24
N CYS B 433 -17.76 26.07 14.27
CA CYS B 433 -17.36 26.82 15.45
C CYS B 433 -17.40 26.07 16.77
N SER B 434 -16.58 26.49 17.74
CA SER B 434 -16.66 25.95 19.10
C SER B 434 -16.13 26.95 20.10
N GLU B 435 -16.54 26.77 21.37
CA GLU B 435 -16.14 27.58 22.52
C GLU B 435 -15.30 26.75 23.49
N GLU B 436 -15.30 25.43 23.32
CA GLU B 436 -14.66 24.55 24.29
C GLU B 436 -13.15 24.50 24.09
N THR B 437 -12.40 24.36 25.17
CA THR B 437 -10.97 24.03 25.10
C THR B 437 -10.91 22.62 25.68
N VAL B 438 -9.92 21.82 25.32
CA VAL B 438 -9.85 20.45 25.80
C VAL B 438 -8.40 20.17 26.02
N ARG B 439 -8.14 19.19 26.86
CA ARG B 439 -6.80 18.70 27.13
C ARG B 439 -6.29 17.92 25.92
N GLU B 440 -4.99 17.64 25.96
CA GLU B 440 -4.27 16.86 24.98
C GLU B 440 -4.97 15.52 24.83
N ASP B 441 -4.97 14.96 23.60
CA ASP B 441 -5.55 13.65 23.27
C ASP B 441 -7.06 13.52 23.48
N VAL B 442 -7.85 14.58 23.31
CA VAL B 442 -9.29 14.58 23.50
C VAL B 442 -9.88 15.12 22.21
N LEU B 443 -10.76 14.39 21.49
CA LEU B 443 -11.43 14.86 20.27
C LEU B 443 -12.50 15.89 20.50
N LEU B 444 -12.34 17.07 19.92
CA LEU B 444 -13.34 18.12 20.02
C LEU B 444 -14.26 18.01 18.79
N THR B 445 -15.57 18.00 18.83
CA THR B 445 -16.36 18.00 17.61
C THR B 445 -16.95 19.40 17.45
N LEU B 446 -16.68 20.02 16.28
CA LEU B 446 -17.21 21.32 15.95
C LEU B 446 -18.43 21.20 15.05
N THR B 447 -19.40 22.05 15.35
CA THR B 447 -20.70 22.08 14.72
C THR B 447 -20.67 23.25 13.74
N ALA B 448 -21.54 23.14 12.74
CA ALA B 448 -21.70 24.18 11.75
C ALA B 448 -22.18 25.43 12.44
N CYS B 449 -21.46 26.48 12.10
CA CYS B 449 -21.88 27.81 12.49
C CYS B 449 -21.96 28.57 11.13
CA CA C . 7.26 -13.33 34.27
CA CA D . 4.74 14.96 -34.15
#